data_6JEL
#
_entry.id   6JEL
#
_cell.length_a   91.687
_cell.length_b   94.822
_cell.length_c   115.273
_cell.angle_alpha   90.00
_cell.angle_beta   90.00
_cell.angle_gamma   90.00
#
_symmetry.space_group_name_H-M   'P 21 21 21'
#
loop_
_entity.id
_entity.type
_entity.pdbx_description
1 polymer Glycosyltransferase
2 water water
#
_entity_poly.entity_id   1
_entity_poly.type   'polypeptide(L)'
_entity_poly.pdbx_seq_one_letter_code
;MNHKVHHHHHHLQENLYFQGMEMEAPLIVIVPSPGMGHLIPLVEFAKVLVSRFHFSVSLLLPTTAQPTKAQTTLLNSLPS
SVSHNFLPTVDPAHLPDGVAHEVTISLTHAHSLSSIRAALGSLAQQAQVVALITDLFGTGLYTVARDLGIPPYLYFTSTA
MCLLFLFHLPKLDETVSCEYRDMPEPLVLPGCVPLHGKDFVDPAQDRQDQAYHVLLDHVKRYVLAEGIFVNTFVDLEPGA
IKTLQTEDPNVPPVYPVGPIIQSGLDDDSHGSDCLKWLDRQPSGSVLFVSFGSGGTLSNEQLNELAIGLEISGHRFLWVV
RSPNDHSSFGSFFSTQSQDDPFGFLPTGFVDRIKDRGLLVPSWAPQIKVLSHGSTGGFLTHCGWNSTLESIVNGVPLIVW
PLYAEQRMNAVMLNQGLKVALRPNASQRGLVEADEIARVVKELMDGDEGKKARYKMRELSDSAKRVTSENGESTKLLSEV
ASKWSQCKS
;
_entity_poly.pdbx_strand_id   A,B
#
# COMPACT_ATOMS: atom_id res chain seq x y z
N ALA A 25 6.89 46.21 1.65
CA ALA A 25 7.65 44.97 2.03
C ALA A 25 8.03 44.20 0.77
N PRO A 26 9.33 43.94 0.53
CA PRO A 26 9.77 43.19 -0.65
C PRO A 26 9.26 41.75 -0.62
N LEU A 27 8.98 41.21 -1.81
CA LEU A 27 8.27 39.94 -1.94
C LEU A 27 9.21 38.85 -2.46
N ILE A 28 9.21 37.73 -1.74
CA ILE A 28 9.89 36.51 -2.17
C ILE A 28 8.83 35.55 -2.72
N VAL A 29 9.07 35.05 -3.92
CA VAL A 29 8.17 34.10 -4.56
C VAL A 29 8.76 32.71 -4.41
N ILE A 30 7.93 31.76 -3.97
CA ILE A 30 8.37 30.38 -3.78
C ILE A 30 7.43 29.47 -4.56
N VAL A 31 8.02 28.60 -5.38
CA VAL A 31 7.26 27.69 -6.23
C VAL A 31 7.61 26.25 -5.86
N PRO A 32 6.84 25.60 -4.96
CA PRO A 32 7.08 24.20 -4.61
C PRO A 32 6.60 23.30 -5.73
N SER A 33 7.27 22.15 -5.89
CA SER A 33 6.76 21.09 -6.73
C SER A 33 5.43 20.61 -6.17
N PRO A 34 4.50 20.09 -7.01
CA PRO A 34 3.21 19.58 -6.54
C PRO A 34 3.36 18.42 -5.55
N GLY A 35 2.40 18.34 -4.63
CA GLY A 35 2.40 17.30 -3.61
C GLY A 35 2.84 17.83 -2.25
N MET A 36 2.25 17.28 -1.19
CA MET A 36 2.50 17.68 0.19
C MET A 36 3.97 17.47 0.51
N GLY A 37 4.55 16.40 -0.04
CA GLY A 37 5.94 16.04 0.23
C GLY A 37 6.92 17.15 -0.16
N HIS A 38 6.54 17.96 -1.16
CA HIS A 38 7.40 19.05 -1.61
C HIS A 38 6.96 20.37 -0.97
N LEU A 39 5.66 20.49 -0.66
CA LEU A 39 5.12 21.71 -0.09
C LEU A 39 5.68 21.94 1.31
N ILE A 40 5.72 20.88 2.11
CA ILE A 40 6.03 20.98 3.53
C ILE A 40 7.41 21.62 3.76
N PRO A 41 8.52 21.11 3.16
CA PRO A 41 9.84 21.67 3.42
C PRO A 41 9.98 23.13 3.00
N LEU A 42 9.34 23.51 1.89
CA LEU A 42 9.43 24.89 1.42
C LEU A 42 8.53 25.81 2.23
N VAL A 43 7.45 25.27 2.80
CA VAL A 43 6.60 26.03 3.70
C VAL A 43 7.39 26.37 4.96
N GLU A 44 8.20 25.40 5.43
CA GLU A 44 9.03 25.59 6.60
C GLU A 44 10.06 26.68 6.32
N PHE A 45 10.61 26.69 5.09
CA PHE A 45 11.58 27.69 4.70
C PHE A 45 10.90 29.07 4.64
N ALA A 46 9.68 29.11 4.13
CA ALA A 46 8.89 30.33 4.06
C ALA A 46 8.68 30.92 5.45
N LYS A 47 8.40 30.05 6.43
CA LYS A 47 8.14 30.47 7.80
C LYS A 47 9.41 31.09 8.39
N VAL A 48 10.57 30.51 8.06
CA VAL A 48 11.85 30.99 8.56
C VAL A 48 12.11 32.40 8.01
N LEU A 49 11.81 32.59 6.71
CA LEU A 49 12.11 33.84 6.01
C LEU A 49 11.28 35.00 6.58
N VAL A 50 9.99 34.76 6.84
CA VAL A 50 9.10 35.84 7.24
C VAL A 50 9.28 36.14 8.72
N SER A 51 9.77 35.15 9.49
CA SER A 51 9.91 35.31 10.92
C SER A 51 11.21 36.03 11.26
N ARG A 52 12.24 35.85 10.41
CA ARG A 52 13.54 36.41 10.68
C ARG A 52 13.74 37.75 9.97
N PHE A 53 13.03 37.96 8.86
CA PHE A 53 13.30 39.13 8.03
C PHE A 53 12.02 39.87 7.68
N HIS A 54 12.18 41.08 7.12
CA HIS A 54 11.07 41.90 6.67
C HIS A 54 10.77 41.57 5.21
N PHE A 55 10.18 40.39 5.01
CA PHE A 55 9.82 39.91 3.68
C PHE A 55 8.37 39.45 3.68
N SER A 56 7.72 39.62 2.53
CA SER A 56 6.49 38.90 2.22
C SER A 56 6.85 37.69 1.38
N VAL A 57 6.13 36.58 1.60
CA VAL A 57 6.30 35.39 0.77
C VAL A 57 5.00 35.12 0.03
N SER A 58 5.12 34.84 -1.28
CA SER A 58 4.00 34.40 -2.08
C SER A 58 4.27 33.00 -2.62
N LEU A 59 3.43 32.03 -2.21
CA LEU A 59 3.52 30.67 -2.70
C LEU A 59 2.68 30.52 -3.97
N LEU A 60 3.35 30.18 -5.08
CA LEU A 60 2.67 29.82 -6.31
C LEU A 60 2.74 28.31 -6.48
N LEU A 61 1.56 27.67 -6.55
CA LEU A 61 1.45 26.23 -6.44
C LEU A 61 0.93 25.62 -7.74
N PRO A 62 1.82 25.04 -8.58
CA PRO A 62 1.38 24.25 -9.74
C PRO A 62 0.65 23.02 -9.22
N THR A 63 -0.43 22.61 -9.89
CA THR A 63 -1.26 21.54 -9.37
C THR A 63 -1.96 20.77 -10.51
N THR A 64 -2.34 19.52 -10.20
CA THR A 64 -3.09 18.68 -11.11
C THR A 64 -4.50 18.42 -10.55
N ALA A 65 -4.79 18.98 -9.36
CA ALA A 65 -6.05 18.72 -8.69
C ALA A 65 -6.42 19.92 -7.83
N GLN A 66 -7.66 19.92 -7.34
CA GLN A 66 -8.14 20.92 -6.39
C GLN A 66 -7.42 20.70 -5.06
N PRO A 67 -7.26 21.76 -4.23
CA PRO A 67 -6.66 21.60 -2.90
C PRO A 67 -7.38 20.50 -2.11
N THR A 68 -6.58 19.70 -1.39
CA THR A 68 -7.12 18.76 -0.42
C THR A 68 -7.33 19.50 0.90
N LYS A 69 -8.05 18.87 1.82
CA LYS A 69 -8.27 19.41 3.15
C LYS A 69 -6.91 19.62 3.84
N ALA A 70 -6.01 18.64 3.69
CA ALA A 70 -4.71 18.68 4.33
C ALA A 70 -3.87 19.84 3.82
N GLN A 71 -3.89 20.08 2.51
CA GLN A 71 -3.08 21.18 1.99
C GLN A 71 -3.72 22.52 2.37
N THR A 72 -5.06 22.60 2.31
CA THR A 72 -5.80 23.79 2.68
C THR A 72 -5.49 24.15 4.14
N THR A 73 -5.52 23.15 5.02
CA THR A 73 -5.34 23.42 6.44
C THR A 73 -3.90 23.84 6.73
N LEU A 74 -2.93 23.29 5.98
CA LEU A 74 -1.54 23.71 6.15
C LEU A 74 -1.40 25.17 5.72
N LEU A 75 -1.92 25.49 4.53
CA LEU A 75 -1.68 26.81 3.94
C LEU A 75 -2.40 27.90 4.74
N ASN A 76 -3.54 27.55 5.34
CA ASN A 76 -4.33 28.51 6.10
C ASN A 76 -3.68 28.78 7.46
N SER A 77 -2.79 27.88 7.89
CA SER A 77 -2.15 27.97 9.19
C SER A 77 -0.97 28.95 9.15
N LEU A 78 -0.58 29.38 7.95
CA LEU A 78 0.62 30.20 7.76
C LEU A 78 0.32 31.64 8.16
N PRO A 79 1.35 32.44 8.54
CA PRO A 79 1.16 33.85 8.88
C PRO A 79 0.69 34.68 7.69
N SER A 80 0.20 35.89 7.97
CA SER A 80 -0.43 36.76 7.00
C SER A 80 0.57 37.22 5.94
N SER A 81 1.86 37.21 6.31
CA SER A 81 2.95 37.62 5.44
C SER A 81 3.18 36.58 4.33
N VAL A 82 2.69 35.35 4.54
CA VAL A 82 2.77 34.29 3.55
C VAL A 82 1.41 34.11 2.90
N SER A 83 1.32 34.45 1.60
CA SER A 83 0.11 34.21 0.84
C SER A 83 0.33 33.02 -0.10
N HIS A 84 -0.77 32.48 -0.65
CA HIS A 84 -0.67 31.34 -1.55
C HIS A 84 -1.69 31.48 -2.68
N ASN A 85 -1.32 30.94 -3.84
CA ASN A 85 -2.11 31.02 -5.06
C ASN A 85 -1.96 29.70 -5.81
N PHE A 86 -3.05 28.92 -5.88
CA PHE A 86 -3.09 27.73 -6.71
C PHE A 86 -3.21 28.14 -8.17
N LEU A 87 -2.28 27.68 -8.99
CA LEU A 87 -2.28 28.06 -10.40
C LEU A 87 -3.36 27.28 -11.14
N PRO A 88 -3.80 27.73 -12.33
CA PRO A 88 -4.74 26.96 -13.15
C PRO A 88 -4.29 25.51 -13.24
N THR A 89 -5.23 24.59 -12.94
CA THR A 89 -4.97 23.17 -12.87
C THR A 89 -4.45 22.66 -14.21
N VAL A 90 -3.45 21.78 -14.15
CA VAL A 90 -3.06 20.97 -15.30
C VAL A 90 -3.91 19.70 -15.26
N ASP A 91 -4.67 19.44 -16.33
CA ASP A 91 -5.53 18.26 -16.38
C ASP A 91 -4.66 17.01 -16.48
N PRO A 92 -4.78 16.05 -15.55
CA PRO A 92 -4.02 14.80 -15.60
C PRO A 92 -4.23 14.01 -16.89
N ALA A 93 -5.33 14.33 -17.61
CA ALA A 93 -5.64 13.70 -18.88
C ALA A 93 -4.60 14.08 -19.93
N HIS A 94 -3.97 15.24 -19.76
CA HIS A 94 -2.97 15.76 -20.70
C HIS A 94 -1.57 15.31 -20.27
N LEU A 95 -1.50 14.43 -19.28
CA LEU A 95 -0.24 13.93 -18.75
C LEU A 95 -0.16 12.42 -18.99
N PRO A 96 1.04 11.86 -19.23
CA PRO A 96 1.18 10.42 -19.47
C PRO A 96 0.86 9.59 -18.23
N ASP A 97 0.24 8.42 -18.46
CA ASP A 97 -0.03 7.45 -17.42
C ASP A 97 1.17 6.51 -17.29
N GLY A 98 1.33 5.95 -16.08
CA GLY A 98 2.29 4.89 -15.84
C GLY A 98 3.73 5.38 -15.81
N VAL A 99 3.92 6.69 -15.55
CA VAL A 99 5.26 7.26 -15.44
C VAL A 99 5.57 7.50 -13.96
N ALA A 100 6.87 7.62 -13.65
CA ALA A 100 7.33 7.89 -12.29
C ALA A 100 6.89 9.29 -11.86
N HIS A 101 6.82 9.50 -10.55
CA HIS A 101 6.29 10.72 -9.96
C HIS A 101 7.11 11.93 -10.37
N GLU A 102 8.43 11.74 -10.49
CA GLU A 102 9.36 12.80 -10.87
C GLU A 102 8.99 13.34 -12.25
N VAL A 103 8.56 12.44 -13.15
CA VAL A 103 8.18 12.82 -14.49
C VAL A 103 6.89 13.66 -14.42
N THR A 104 5.90 13.18 -13.67
CA THR A 104 4.64 13.87 -13.49
C THR A 104 4.89 15.28 -12.95
N ILE A 105 5.78 15.38 -11.95
CA ILE A 105 6.11 16.64 -11.30
C ILE A 105 6.73 17.58 -12.33
N SER A 106 7.68 17.07 -13.12
CA SER A 106 8.42 17.87 -14.09
C SER A 106 7.47 18.44 -15.15
N LEU A 107 6.55 17.59 -15.62
CA LEU A 107 5.62 17.95 -16.68
C LEU A 107 4.61 18.99 -16.15
N THR A 108 4.23 18.85 -14.87
CA THR A 108 3.29 19.77 -14.25
C THR A 108 3.89 21.17 -14.22
N HIS A 109 5.17 21.26 -13.83
CA HIS A 109 5.91 22.51 -13.86
C HIS A 109 5.86 23.13 -15.25
N ALA A 110 6.18 22.31 -16.26
CA ALA A 110 6.26 22.75 -17.64
C ALA A 110 4.92 23.33 -18.10
N HIS A 111 3.83 22.65 -17.74
CA HIS A 111 2.49 23.04 -18.17
C HIS A 111 2.01 24.28 -17.42
N SER A 112 2.67 24.59 -16.29
CA SER A 112 2.26 25.71 -15.44
C SER A 112 3.13 26.94 -15.70
N LEU A 113 4.11 26.80 -16.61
CA LEU A 113 5.14 27.82 -16.80
C LEU A 113 4.52 29.17 -17.18
N SER A 114 3.58 29.15 -18.13
CA SER A 114 2.88 30.34 -18.57
C SER A 114 2.16 31.02 -17.40
N SER A 115 1.46 30.20 -16.60
CA SER A 115 0.72 30.67 -15.44
C SER A 115 1.65 31.40 -14.46
N ILE A 116 2.85 30.83 -14.26
CA ILE A 116 3.80 31.39 -13.31
C ILE A 116 4.30 32.74 -13.81
N ARG A 117 4.54 32.83 -15.13
CA ARG A 117 4.97 34.07 -15.76
C ARG A 117 3.90 35.15 -15.53
N ALA A 118 2.63 34.78 -15.72
CA ALA A 118 1.51 35.69 -15.59
C ALA A 118 1.35 36.14 -14.14
N ALA A 119 1.52 35.19 -13.21
CA ALA A 119 1.43 35.47 -11.79
C ALA A 119 2.54 36.43 -11.37
N LEU A 120 3.75 36.21 -11.90
CA LEU A 120 4.89 37.06 -11.58
C LEU A 120 4.63 38.48 -12.10
N GLY A 121 4.04 38.58 -13.28
CA GLY A 121 3.64 39.86 -13.86
C GLY A 121 2.62 40.59 -12.98
N SER A 122 1.66 39.84 -12.44
CA SER A 122 0.63 40.39 -11.57
C SER A 122 1.24 40.85 -10.24
N LEU A 123 2.14 40.04 -9.69
CA LEU A 123 2.74 40.31 -8.39
C LEU A 123 3.63 41.54 -8.46
N ALA A 124 4.27 41.78 -9.61
CA ALA A 124 5.16 42.91 -9.83
C ALA A 124 4.41 44.25 -9.70
N GLN A 125 3.08 44.20 -9.86
CA GLN A 125 2.23 45.38 -9.71
C GLN A 125 2.03 45.70 -8.22
N GLN A 126 2.00 44.65 -7.39
CA GLN A 126 1.64 44.76 -5.99
C GLN A 126 2.88 45.06 -5.14
N ALA A 127 4.03 44.53 -5.55
CA ALA A 127 5.29 44.68 -4.83
C ALA A 127 6.47 44.41 -5.76
N GLN A 128 7.69 44.67 -5.29
CA GLN A 128 8.90 44.30 -6.01
C GLN A 128 9.28 42.87 -5.63
N VAL A 129 9.50 42.02 -6.65
CA VAL A 129 9.89 40.63 -6.42
C VAL A 129 11.40 40.54 -6.38
N VAL A 130 11.95 40.22 -5.20
CA VAL A 130 13.38 40.30 -4.95
C VAL A 130 14.07 38.96 -5.19
N ALA A 131 13.32 37.85 -5.07
CA ALA A 131 13.88 36.53 -5.26
C ALA A 131 12.80 35.52 -5.60
N LEU A 132 13.22 34.47 -6.33
CA LEU A 132 12.38 33.32 -6.64
C LEU A 132 13.09 32.06 -6.14
N ILE A 133 12.37 31.26 -5.34
CA ILE A 133 12.96 30.01 -4.78
C ILE A 133 12.11 28.80 -5.17
N THR A 134 12.74 27.77 -5.74
CA THR A 134 12.04 26.53 -6.17
C THR A 134 12.89 25.32 -5.77
N ASP A 135 12.17 24.19 -5.68
CA ASP A 135 12.62 22.81 -5.33
C ASP A 135 13.39 22.24 -6.51
N LEU A 136 14.06 21.11 -6.28
CA LEU A 136 14.96 20.51 -7.26
C LEU A 136 14.27 20.21 -8.58
N PHE A 137 12.93 20.35 -8.66
CA PHE A 137 12.22 20.05 -9.90
C PHE A 137 11.62 21.32 -10.51
N GLY A 138 11.93 22.49 -9.94
CA GLY A 138 11.41 23.74 -10.45
C GLY A 138 12.42 24.51 -11.30
N THR A 139 13.39 23.79 -11.90
CA THR A 139 14.56 24.40 -12.52
C THR A 139 14.20 25.09 -13.83
N GLY A 140 13.06 24.71 -14.43
CA GLY A 140 12.59 25.30 -15.67
C GLY A 140 12.25 26.78 -15.54
N LEU A 141 12.12 27.25 -14.28
CA LEU A 141 11.66 28.61 -14.00
C LEU A 141 12.84 29.57 -13.96
N TYR A 142 14.06 29.03 -13.92
CA TYR A 142 15.22 29.82 -13.57
C TYR A 142 15.56 30.82 -14.69
N THR A 143 15.51 30.36 -15.95
CA THR A 143 15.73 31.21 -17.10
C THR A 143 14.67 32.31 -17.15
N VAL A 144 13.41 31.90 -16.91
CA VAL A 144 12.26 32.79 -16.91
C VAL A 144 12.49 33.90 -15.90
N ALA A 145 12.96 33.53 -14.70
CA ALA A 145 13.18 34.46 -13.61
C ALA A 145 14.29 35.44 -13.97
N ARG A 146 15.38 34.95 -14.57
CA ARG A 146 16.52 35.77 -14.95
C ARG A 146 16.08 36.84 -15.94
N ASP A 147 15.17 36.46 -16.85
CA ASP A 147 14.70 37.33 -17.93
C ASP A 147 13.81 38.44 -17.36
N LEU A 148 13.17 38.18 -16.22
CA LEU A 148 12.32 39.15 -15.56
C LEU A 148 13.15 39.94 -14.56
N GLY A 149 14.44 39.61 -14.44
CA GLY A 149 15.36 40.28 -13.54
C GLY A 149 15.17 39.84 -12.08
N ILE A 150 14.68 38.61 -11.88
CA ILE A 150 14.51 38.05 -10.55
C ILE A 150 15.55 36.95 -10.36
N PRO A 151 16.44 37.06 -9.33
CA PRO A 151 17.41 36.01 -9.06
C PRO A 151 16.71 34.75 -8.57
N PRO A 152 16.91 33.59 -9.26
CA PRO A 152 16.32 32.33 -8.85
C PRO A 152 17.23 31.50 -7.95
N TYR A 153 16.64 30.84 -6.95
CA TYR A 153 17.42 30.05 -6.00
C TYR A 153 16.83 28.64 -5.86
N LEU A 154 17.73 27.69 -5.60
CA LEU A 154 17.37 26.31 -5.30
C LEU A 154 17.41 26.11 -3.78
N TYR A 155 16.28 25.69 -3.22
CA TYR A 155 16.27 25.16 -1.87
C TYR A 155 16.41 23.65 -1.96
N PHE A 156 17.62 23.15 -1.68
CA PHE A 156 17.91 21.74 -1.82
C PHE A 156 17.61 21.02 -0.51
N THR A 157 16.84 19.93 -0.62
CA THR A 157 16.25 19.33 0.57
C THR A 157 16.98 18.07 1.01
N SER A 158 18.06 17.69 0.32
CA SER A 158 18.86 16.56 0.78
C SER A 158 20.23 17.02 1.29
N THR A 159 21.12 16.05 1.50
CA THR A 159 22.45 16.31 2.06
C THR A 159 23.30 17.07 1.05
N ALA A 160 24.34 17.75 1.56
CA ALA A 160 25.37 18.34 0.73
C ALA A 160 26.04 17.24 -0.10
N MET A 161 26.21 16.06 0.52
CA MET A 161 26.79 14.92 -0.17
C MET A 161 25.92 14.53 -1.36
N CYS A 162 24.59 14.60 -1.18
CA CYS A 162 23.66 14.22 -2.23
C CYS A 162 23.73 15.24 -3.37
N LEU A 163 23.86 16.52 -3.02
CA LEU A 163 23.99 17.58 -4.01
C LEU A 163 25.28 17.38 -4.80
N LEU A 164 26.38 17.10 -4.08
CA LEU A 164 27.66 16.84 -4.73
C LEU A 164 27.53 15.68 -5.71
N PHE A 165 26.85 14.61 -5.29
CA PHE A 165 26.65 13.46 -6.16
C PHE A 165 25.95 13.87 -7.46
N LEU A 166 24.93 14.72 -7.34
CA LEU A 166 24.13 15.12 -8.50
C LEU A 166 24.96 15.96 -9.46
N PHE A 167 25.86 16.81 -8.93
CA PHE A 167 26.70 17.64 -9.78
C PHE A 167 27.68 16.79 -10.58
N HIS A 168 27.99 15.59 -10.09
CA HIS A 168 28.90 14.67 -10.77
C HIS A 168 28.12 13.69 -11.65
N LEU A 169 26.78 13.70 -11.56
CA LEU A 169 25.99 12.70 -12.26
C LEU A 169 26.10 12.85 -13.77
N PRO A 170 26.17 14.09 -14.35
CA PRO A 170 26.40 14.24 -15.79
C PRO A 170 27.66 13.52 -16.26
N LYS A 171 28.78 13.77 -15.57
CA LYS A 171 30.08 13.20 -15.92
C LYS A 171 30.05 11.68 -15.76
N LEU A 172 29.35 11.22 -14.72
CA LEU A 172 29.17 9.79 -14.44
C LEU A 172 28.40 9.14 -15.57
N ASP A 173 27.35 9.81 -16.05
CA ASP A 173 26.48 9.31 -17.10
C ASP A 173 27.28 9.08 -18.38
N GLU A 174 28.26 9.95 -18.62
CA GLU A 174 29.06 9.93 -19.83
C GLU A 174 30.10 8.81 -19.79
N THR A 175 30.73 8.63 -18.63
CA THR A 175 31.91 7.78 -18.52
C THR A 175 31.54 6.36 -18.07
N VAL A 176 30.27 6.16 -17.67
CA VAL A 176 29.84 4.85 -17.19
C VAL A 176 28.74 4.33 -18.12
N SER A 177 28.85 3.03 -18.47
CA SER A 177 28.01 2.45 -19.50
C SER A 177 27.03 1.44 -18.91
N CYS A 178 27.40 0.83 -17.78
CA CYS A 178 26.53 -0.13 -17.12
C CYS A 178 25.54 0.59 -16.22
N GLU A 179 24.52 -0.14 -15.76
CA GLU A 179 23.71 0.29 -14.63
C GLU A 179 24.63 0.43 -13.42
N TYR A 180 24.40 1.49 -12.63
CA TYR A 180 25.34 1.89 -11.60
C TYR A 180 25.54 0.80 -10.55
N ARG A 181 24.51 -0.06 -10.37
CA ARG A 181 24.59 -1.15 -9.40
C ARG A 181 25.63 -2.17 -9.83
N ASP A 182 25.97 -2.17 -11.13
CA ASP A 182 26.87 -3.16 -11.72
C ASP A 182 28.29 -2.62 -11.80
N MET A 183 28.49 -1.37 -11.36
CA MET A 183 29.82 -0.78 -11.28
C MET A 183 30.72 -1.65 -10.42
N PRO A 184 31.97 -1.94 -10.86
CA PRO A 184 32.89 -2.78 -10.09
C PRO A 184 33.42 -2.11 -8.83
N GLU A 185 33.52 -0.78 -8.86
CA GLU A 185 34.15 -0.03 -7.79
C GLU A 185 33.19 1.03 -7.26
N PRO A 186 33.28 1.38 -5.94
CA PRO A 186 32.51 2.51 -5.40
C PRO A 186 33.03 3.83 -5.94
N LEU A 187 32.18 4.84 -5.93
CA LEU A 187 32.54 6.21 -6.31
C LEU A 187 32.99 6.95 -5.06
N VAL A 188 34.10 7.69 -5.17
CA VAL A 188 34.63 8.47 -4.07
C VAL A 188 34.57 9.96 -4.44
N LEU A 189 33.55 10.66 -3.93
CA LEU A 189 33.45 12.10 -4.11
C LEU A 189 34.44 12.78 -3.18
N PRO A 190 35.14 13.85 -3.61
CA PRO A 190 36.15 14.51 -2.79
C PRO A 190 35.60 14.91 -1.42
N GLY A 191 36.21 14.35 -0.37
CA GLY A 191 35.88 14.67 1.01
C GLY A 191 34.70 13.85 1.55
N CYS A 192 34.30 12.81 0.81
CA CYS A 192 33.13 12.02 1.17
C CYS A 192 33.51 10.56 1.32
N VAL A 193 32.68 9.84 2.10
CA VAL A 193 32.78 8.39 2.24
C VAL A 193 32.58 7.74 0.87
N PRO A 194 33.22 6.60 0.57
CA PRO A 194 32.96 5.87 -0.68
C PRO A 194 31.50 5.47 -0.81
N LEU A 195 30.99 5.49 -2.05
CA LEU A 195 29.58 5.24 -2.32
C LEU A 195 29.42 4.28 -3.49
N HIS A 196 28.93 3.08 -3.19
CA HIS A 196 28.68 2.04 -4.18
C HIS A 196 27.51 2.45 -5.07
N GLY A 197 27.54 1.95 -6.31
CA GLY A 197 26.54 2.27 -7.33
C GLY A 197 25.13 1.87 -6.91
N LYS A 198 25.00 0.82 -6.10
CA LYS A 198 23.71 0.31 -5.68
C LYS A 198 23.09 1.24 -4.62
N ASP A 199 23.91 2.16 -4.10
CA ASP A 199 23.49 3.08 -3.06
C ASP A 199 23.30 4.49 -3.64
N PHE A 200 23.30 4.57 -4.95
CA PHE A 200 23.03 5.85 -5.65
C PHE A 200 21.55 6.15 -5.49
N VAL A 201 21.15 7.39 -5.79
CA VAL A 201 19.73 7.82 -5.63
C VAL A 201 18.80 6.95 -6.50
N ASP A 202 17.58 6.75 -6.02
CA ASP A 202 16.58 5.82 -6.62
C ASP A 202 16.26 6.20 -8.06
N PRO A 203 16.16 7.49 -8.45
CA PRO A 203 15.96 7.85 -9.84
C PRO A 203 17.06 7.34 -10.78
N ALA A 204 18.31 7.25 -10.31
CA ALA A 204 19.46 6.77 -11.11
C ALA A 204 19.60 5.24 -11.09
N GLN A 205 18.72 4.52 -10.41
CA GLN A 205 18.84 3.07 -10.30
C GLN A 205 18.35 2.36 -11.56
N ASP A 206 17.66 3.09 -12.44
CA ASP A 206 17.24 2.54 -13.72
C ASP A 206 17.45 3.57 -14.82
N ARG A 207 18.55 3.43 -15.56
CA ARG A 207 18.98 4.40 -16.55
C ARG A 207 18.05 4.38 -17.76
N GLN A 208 17.20 3.35 -17.85
CA GLN A 208 16.30 3.15 -18.99
C GLN A 208 14.97 3.85 -18.78
N ASP A 209 14.72 4.35 -17.56
CA ASP A 209 13.44 4.93 -17.21
C ASP A 209 13.49 6.44 -17.42
N GLN A 210 12.33 7.03 -17.75
CA GLN A 210 12.21 8.45 -18.04
C GLN A 210 12.66 9.29 -16.85
N ALA A 211 12.41 8.79 -15.63
CA ALA A 211 12.73 9.49 -14.39
C ALA A 211 14.19 9.89 -14.36
N TYR A 212 15.06 8.96 -14.79
CA TYR A 212 16.50 9.20 -14.82
C TYR A 212 16.82 10.39 -15.72
N HIS A 213 16.23 10.41 -16.92
CA HIS A 213 16.50 11.47 -17.88
C HIS A 213 15.97 12.82 -17.36
N VAL A 214 14.88 12.76 -16.57
CA VAL A 214 14.30 13.97 -16.00
C VAL A 214 15.24 14.53 -14.93
N LEU A 215 15.78 13.65 -14.07
CA LEU A 215 16.71 14.09 -13.03
C LEU A 215 17.90 14.80 -13.66
N LEU A 216 18.48 14.18 -14.70
CA LEU A 216 19.64 14.69 -15.41
C LEU A 216 19.35 16.09 -15.96
N ASP A 217 18.16 16.25 -16.55
CA ASP A 217 17.75 17.48 -17.19
C ASP A 217 17.73 18.63 -16.18
N HIS A 218 17.19 18.35 -14.99
CA HIS A 218 17.06 19.35 -13.95
C HIS A 218 18.44 19.65 -13.34
N VAL A 219 19.23 18.59 -13.12
CA VAL A 219 20.56 18.73 -12.51
C VAL A 219 21.41 19.66 -13.36
N LYS A 220 21.30 19.50 -14.69
CA LYS A 220 22.07 20.28 -15.64
C LYS A 220 21.69 21.76 -15.58
N ARG A 221 20.59 22.07 -14.89
CA ARG A 221 20.13 23.45 -14.79
C ARG A 221 20.42 24.02 -13.41
N TYR A 222 21.01 23.22 -12.51
CA TYR A 222 21.35 23.73 -11.18
C TYR A 222 22.31 24.92 -11.32
N VAL A 223 23.14 24.89 -12.36
CA VAL A 223 24.18 25.87 -12.60
C VAL A 223 23.57 27.25 -12.87
N LEU A 224 22.28 27.29 -13.22
CA LEU A 224 21.59 28.52 -13.56
C LEU A 224 21.08 29.24 -12.31
N ALA A 225 21.09 28.55 -11.16
CA ALA A 225 20.65 29.15 -9.92
C ALA A 225 21.64 30.21 -9.47
N GLU A 226 21.11 31.30 -8.89
CA GLU A 226 21.91 32.35 -8.28
C GLU A 226 22.63 31.81 -7.05
N GLY A 227 21.95 30.89 -6.33
CA GLY A 227 22.51 30.24 -5.16
C GLY A 227 21.72 28.99 -4.78
N ILE A 228 22.35 28.10 -4.01
CA ILE A 228 21.71 26.88 -3.54
C ILE A 228 21.77 26.85 -2.02
N PHE A 229 20.59 26.92 -1.39
CA PHE A 229 20.46 26.67 0.04
C PHE A 229 20.39 25.17 0.26
N VAL A 230 21.19 24.67 1.21
CA VAL A 230 21.13 23.27 1.61
C VAL A 230 20.76 23.22 3.10
N ASN A 231 19.81 22.34 3.44
CA ASN A 231 19.38 22.18 4.81
C ASN A 231 20.39 21.30 5.54
N THR A 232 21.57 21.87 5.82
CA THR A 232 22.67 21.20 6.49
C THR A 232 23.54 22.24 7.19
N PHE A 233 24.62 21.79 7.84
CA PHE A 233 25.59 22.69 8.43
C PHE A 233 27.00 22.13 8.25
N VAL A 234 28.02 22.99 8.45
CA VAL A 234 29.40 22.71 8.08
C VAL A 234 29.94 21.51 8.87
N ASP A 235 29.76 21.50 10.18
CA ASP A 235 30.32 20.46 11.03
C ASP A 235 29.72 19.09 10.69
N LEU A 236 28.55 19.11 10.03
CA LEU A 236 27.82 17.89 9.71
C LEU A 236 28.39 17.23 8.46
N GLU A 237 28.83 18.07 7.52
CA GLU A 237 29.30 17.58 6.23
C GLU A 237 30.50 18.41 5.77
N PRO A 238 31.61 18.47 6.55
CA PRO A 238 32.71 19.39 6.26
C PRO A 238 33.28 19.10 4.88
N GLY A 239 33.43 17.82 4.56
CA GLY A 239 34.03 17.38 3.32
C GLY A 239 33.21 17.80 2.09
N ALA A 240 31.93 17.37 2.06
CA ALA A 240 31.05 17.61 0.93
C ALA A 240 30.89 19.11 0.67
N ILE A 241 30.71 19.89 1.75
CA ILE A 241 30.48 21.31 1.64
C ILE A 241 31.72 22.00 1.08
N LYS A 242 32.90 21.61 1.59
CA LYS A 242 34.16 22.18 1.14
C LYS A 242 34.34 21.96 -0.36
N THR A 243 34.09 20.72 -0.82
CA THR A 243 34.19 20.38 -2.23
C THR A 243 33.21 21.22 -3.05
N LEU A 244 31.96 21.33 -2.57
CA LEU A 244 30.93 22.07 -3.28
C LEU A 244 31.33 23.54 -3.41
N GLN A 245 32.01 24.06 -2.39
CA GLN A 245 32.31 25.48 -2.30
C GLN A 245 33.60 25.82 -3.04
N THR A 246 34.52 24.86 -3.23
CA THR A 246 35.82 25.22 -3.88
C THR A 246 36.30 24.33 -5.04
N GLU A 247 35.73 23.14 -5.26
CA GLU A 247 36.21 22.25 -6.32
C GLU A 247 36.01 22.86 -7.70
N ASP A 248 34.80 23.38 -7.98
CA ASP A 248 34.46 23.88 -9.29
C ASP A 248 33.83 25.27 -9.17
N PRO A 249 34.46 26.33 -9.73
CA PRO A 249 33.87 27.68 -9.73
C PRO A 249 32.57 27.84 -10.50
N ASN A 250 32.24 26.85 -11.36
CA ASN A 250 31.03 26.85 -12.17
C ASN A 250 29.80 26.67 -11.28
N VAL A 251 29.91 25.79 -10.27
CA VAL A 251 28.84 25.50 -9.33
C VAL A 251 28.44 26.80 -8.62
N PRO A 252 27.12 27.11 -8.54
CA PRO A 252 26.66 28.33 -7.85
C PRO A 252 27.09 28.34 -6.39
N PRO A 253 27.07 29.51 -5.72
CA PRO A 253 27.32 29.56 -4.27
C PRO A 253 26.41 28.57 -3.55
N VAL A 254 26.99 27.83 -2.60
CA VAL A 254 26.25 26.85 -1.81
C VAL A 254 26.18 27.35 -0.36
N TYR A 255 24.95 27.48 0.15
CA TYR A 255 24.72 28.09 1.45
C TYR A 255 24.12 27.06 2.42
N PRO A 256 24.93 26.47 3.32
CA PRO A 256 24.41 25.61 4.40
C PRO A 256 23.72 26.46 5.44
N VAL A 257 22.41 26.25 5.62
CA VAL A 257 21.62 27.14 6.47
C VAL A 257 20.82 26.34 7.49
N GLY A 258 21.17 25.07 7.68
CA GLY A 258 20.42 24.18 8.54
C GLY A 258 21.04 24.01 9.93
N PRO A 259 20.45 23.17 10.81
CA PRO A 259 19.21 22.46 10.53
C PRO A 259 17.96 23.34 10.60
N ILE A 260 17.09 23.20 9.59
CA ILE A 260 15.74 23.74 9.64
C ILE A 260 14.78 22.57 9.79
N ILE A 261 14.08 22.53 10.92
CA ILE A 261 13.11 21.47 11.20
C ILE A 261 11.81 22.11 11.70
N GLN A 262 10.71 21.36 11.62
CA GLN A 262 9.42 21.84 12.09
C GLN A 262 9.45 21.93 13.61
N SER A 263 8.59 22.80 14.16
CA SER A 263 8.30 22.88 15.58
C SER A 263 9.50 23.46 16.35
N SER A 272 -0.72 10.88 20.16
CA SER A 272 -0.10 11.57 21.32
C SER A 272 -0.18 10.68 22.55
N ASP A 273 -0.83 9.52 22.42
CA ASP A 273 -0.95 8.55 23.53
C ASP A 273 0.46 8.04 23.89
N CYS A 274 1.31 7.82 22.88
CA CYS A 274 2.68 7.30 23.12
C CYS A 274 3.50 8.25 24.00
N LEU A 275 3.30 9.55 23.91
CA LEU A 275 4.04 10.49 24.78
C LEU A 275 3.68 10.19 26.24
N LYS A 276 2.43 9.82 26.52
CA LYS A 276 2.02 9.47 27.91
C LYS A 276 2.84 8.27 28.37
N TRP A 277 2.99 7.30 27.49
CA TRP A 277 3.75 6.09 27.74
C TRP A 277 5.22 6.40 27.97
N LEU A 278 5.78 7.31 27.15
CA LEU A 278 7.19 7.68 27.23
C LEU A 278 7.47 8.36 28.56
N ASP A 279 6.52 9.17 29.04
CA ASP A 279 6.62 9.89 30.30
C ASP A 279 6.91 8.92 31.44
N ARG A 280 6.41 7.68 31.32
CA ARG A 280 6.47 6.71 32.40
C ARG A 280 7.77 5.90 32.35
N GLN A 281 8.57 6.08 31.28
CA GLN A 281 9.77 5.27 31.10
C GLN A 281 10.99 6.02 31.63
N PRO A 282 12.08 5.30 32.01
CA PRO A 282 13.31 5.98 32.45
C PRO A 282 13.97 6.78 31.32
N SER A 283 14.87 7.68 31.71
CA SER A 283 15.54 8.55 30.76
C SER A 283 16.51 7.75 29.91
N GLY A 284 16.45 7.98 28.59
CA GLY A 284 17.38 7.43 27.62
C GLY A 284 17.24 5.92 27.42
N SER A 285 16.04 5.37 27.67
CA SER A 285 15.88 3.93 27.76
C SER A 285 15.10 3.33 26.59
N VAL A 286 14.49 4.18 25.76
CA VAL A 286 13.54 3.71 24.75
C VAL A 286 14.16 3.80 23.35
N LEU A 287 14.15 2.67 22.63
CA LEU A 287 14.42 2.68 21.20
C LEU A 287 13.12 3.02 20.45
N PHE A 288 13.13 4.18 19.79
CA PHE A 288 12.05 4.58 18.91
C PHE A 288 12.28 3.95 17.54
N VAL A 289 11.28 3.18 17.08
CA VAL A 289 11.36 2.48 15.81
C VAL A 289 10.28 3.04 14.91
N SER A 290 10.68 3.73 13.84
CA SER A 290 9.71 4.32 12.93
C SER A 290 10.32 4.52 11.55
N PHE A 291 9.68 3.90 10.56
CA PHE A 291 9.83 4.25 9.16
C PHE A 291 8.81 5.36 8.91
N GLY A 292 8.81 5.96 7.72
CA GLY A 292 8.04 7.18 7.51
C GLY A 292 6.60 6.89 7.10
N SER A 293 6.08 7.76 6.22
CA SER A 293 4.77 7.59 5.60
C SER A 293 4.89 6.65 4.40
N GLY A 294 6.05 6.68 3.73
CA GLY A 294 6.26 5.92 2.49
C GLY A 294 7.01 4.60 2.60
N GLY A 295 7.69 4.32 3.71
CA GLY A 295 8.44 3.08 3.86
C GLY A 295 7.62 1.97 4.51
N THR A 296 7.62 0.79 3.87
CA THR A 296 7.01 -0.41 4.40
C THR A 296 7.90 -1.62 4.08
N LEU A 297 7.88 -2.61 4.97
CA LEU A 297 8.70 -3.81 4.89
C LEU A 297 7.79 -5.01 4.63
N SER A 298 8.42 -6.15 4.27
CA SER A 298 7.70 -7.40 4.07
C SER A 298 7.28 -7.99 5.40
N ASN A 299 6.26 -8.85 5.36
CA ASN A 299 5.74 -9.54 6.54
C ASN A 299 6.86 -10.31 7.24
N GLU A 300 7.66 -11.02 6.43
CA GLU A 300 8.76 -11.82 6.94
C GLU A 300 9.73 -10.94 7.73
N GLN A 301 10.04 -9.76 7.19
CA GLN A 301 11.02 -8.85 7.77
C GLN A 301 10.43 -8.17 9.01
N LEU A 302 9.15 -7.85 8.96
CA LEU A 302 8.46 -7.23 10.10
C LEU A 302 8.48 -8.21 11.27
N ASN A 303 8.29 -9.49 10.98
CA ASN A 303 8.28 -10.55 12.02
C ASN A 303 9.66 -10.71 12.64
N GLU A 304 10.72 -10.64 11.83
CA GLU A 304 12.10 -10.72 12.37
C GLU A 304 12.35 -9.51 13.28
N LEU A 305 11.85 -8.34 12.87
CA LEU A 305 11.98 -7.11 13.67
C LEU A 305 11.24 -7.26 15.00
N ALA A 306 10.04 -7.82 14.98
CA ALA A 306 9.23 -7.99 16.18
C ALA A 306 9.95 -8.89 17.19
N ILE A 307 10.46 -10.04 16.71
CA ILE A 307 11.12 -11.00 17.57
C ILE A 307 12.46 -10.44 18.04
N GLY A 308 13.16 -9.74 17.15
CA GLY A 308 14.43 -9.10 17.47
C GLY A 308 14.28 -8.05 18.57
N LEU A 309 13.20 -7.26 18.48
CA LEU A 309 12.89 -6.25 19.48
C LEU A 309 12.63 -6.94 20.81
N GLU A 310 11.84 -8.01 20.77
CA GLU A 310 11.44 -8.75 21.96
C GLU A 310 12.67 -9.31 22.67
N ILE A 311 13.54 -9.99 21.91
CA ILE A 311 14.63 -10.72 22.53
C ILE A 311 15.72 -9.78 23.03
N SER A 312 15.78 -8.56 22.49
CA SER A 312 16.75 -7.57 22.92
C SER A 312 16.58 -7.26 24.40
N GLY A 313 15.33 -7.34 24.88
CA GLY A 313 15.00 -7.08 26.27
C GLY A 313 14.91 -5.59 26.58
N HIS A 314 15.15 -4.74 25.55
CA HIS A 314 15.13 -3.30 25.72
C HIS A 314 13.73 -2.75 25.49
N ARG A 315 13.50 -1.52 25.96
CA ARG A 315 12.22 -0.84 25.81
C ARG A 315 12.13 -0.23 24.42
N PHE A 316 10.93 -0.22 23.84
CA PHE A 316 10.77 0.27 22.48
C PHE A 316 9.37 0.84 22.25
N LEU A 317 9.34 1.90 21.43
CA LEU A 317 8.13 2.44 20.85
C LEU A 317 8.22 2.18 19.34
N TRP A 318 7.32 1.36 18.85
CA TRP A 318 7.34 0.97 17.42
C TRP A 318 6.10 1.45 16.70
N VAL A 319 6.32 2.30 15.71
CA VAL A 319 5.23 2.80 14.85
C VAL A 319 5.11 1.74 13.76
N VAL A 320 4.00 1.02 13.74
CA VAL A 320 3.85 -0.13 12.81
C VAL A 320 2.97 0.23 11.62
N ARG A 321 3.46 -0.07 10.43
CA ARG A 321 2.66 0.08 9.20
C ARG A 321 2.39 -1.34 8.71
N SER A 322 1.12 -1.71 8.78
CA SER A 322 0.60 -3.00 8.35
C SER A 322 0.97 -3.22 6.89
N PRO A 323 1.39 -4.45 6.49
CA PRO A 323 1.57 -4.77 5.07
C PRO A 323 0.20 -4.90 4.41
N ASN A 324 0.08 -4.32 3.21
CA ASN A 324 -1.20 -4.29 2.51
C ASN A 324 -1.50 -5.69 2.00
N ASP A 325 -2.66 -6.24 2.38
CA ASP A 325 -3.06 -7.58 1.99
C ASP A 325 -2.96 -7.74 0.47
N HIS A 326 -2.12 -8.68 0.03
CA HIS A 326 -1.95 -8.92 -1.40
C HIS A 326 -2.91 -10.04 -1.79
N SER A 327 -3.86 -9.70 -2.67
CA SER A 327 -4.98 -10.58 -2.96
C SER A 327 -4.70 -11.40 -4.21
N SER A 328 -4.15 -12.61 -3.98
CA SER A 328 -3.91 -13.58 -5.03
C SER A 328 -5.22 -14.25 -5.42
N PHE A 329 -5.22 -14.90 -6.58
CA PHE A 329 -6.40 -15.52 -7.15
C PHE A 329 -6.90 -16.61 -6.20
N GLY A 330 -8.18 -16.50 -5.82
CA GLY A 330 -8.86 -17.50 -5.00
C GLY A 330 -8.83 -17.18 -3.50
N SER A 331 -8.27 -16.01 -3.15
CA SER A 331 -8.17 -15.61 -1.76
C SER A 331 -9.26 -14.60 -1.40
N PHE A 332 -9.92 -14.81 -0.26
CA PHE A 332 -11.03 -13.99 0.19
C PHE A 332 -10.89 -13.64 1.66
N PHE A 333 -10.76 -12.34 1.95
CA PHE A 333 -10.56 -11.84 3.29
C PHE A 333 -11.92 -11.58 3.97
N SER A 334 -11.87 -11.32 5.28
CA SER A 334 -13.06 -11.18 6.10
C SER A 334 -13.39 -9.71 6.29
N THR A 335 -14.67 -9.36 6.10
CA THR A 335 -15.19 -8.03 6.35
C THR A 335 -15.99 -8.02 7.64
N GLN A 336 -15.91 -9.13 8.38
CA GLN A 336 -16.71 -9.40 9.57
C GLN A 336 -16.23 -8.53 10.73
N SER A 337 -14.91 -8.53 10.96
CA SER A 337 -14.28 -7.71 11.98
C SER A 337 -13.26 -6.79 11.33
N GLN A 338 -13.01 -5.64 11.99
CA GLN A 338 -11.94 -4.75 11.54
C GLN A 338 -10.63 -5.52 11.62
N ASP A 339 -9.81 -5.40 10.56
CA ASP A 339 -8.45 -5.88 10.63
C ASP A 339 -7.85 -5.38 11.94
N ASP A 340 -7.41 -6.32 12.80
CA ASP A 340 -6.48 -6.00 13.87
C ASP A 340 -5.19 -5.50 13.21
N PRO A 341 -4.77 -4.23 13.46
CA PRO A 341 -3.57 -3.68 12.82
C PRO A 341 -2.29 -4.45 13.16
N PHE A 342 -2.34 -5.22 14.26
CA PHE A 342 -1.20 -5.98 14.74
C PHE A 342 -1.43 -7.47 14.49
N GLY A 343 -2.48 -7.80 13.73
CA GLY A 343 -2.88 -9.17 13.46
C GLY A 343 -1.82 -9.98 12.73
N PHE A 344 -0.95 -9.28 11.98
CA PHE A 344 0.03 -9.90 11.12
C PHE A 344 1.26 -10.35 11.92
N LEU A 345 1.39 -9.84 13.15
CA LEU A 345 2.57 -10.09 13.98
C LEU A 345 2.51 -11.48 14.58
N PRO A 346 3.66 -12.04 15.06
CA PRO A 346 3.69 -13.40 15.59
C PRO A 346 2.78 -13.57 16.81
N THR A 347 2.18 -14.77 16.92
CA THR A 347 1.23 -15.06 17.98
C THR A 347 1.90 -14.83 19.34
N GLY A 348 1.20 -14.14 20.23
CA GLY A 348 1.65 -13.95 21.61
C GLY A 348 2.67 -12.84 21.78
N PHE A 349 3.18 -12.28 20.66
CA PHE A 349 4.20 -11.24 20.70
C PHE A 349 3.72 -10.05 21.52
N VAL A 350 2.53 -9.55 21.20
CA VAL A 350 1.99 -8.34 21.80
C VAL A 350 1.89 -8.53 23.32
N ASP A 351 1.42 -9.70 23.75
CA ASP A 351 1.23 -9.99 25.17
C ASP A 351 2.57 -10.03 25.90
N ARG A 352 3.59 -10.54 25.22
CA ARG A 352 4.88 -10.82 25.84
C ARG A 352 5.65 -9.53 26.13
N ILE A 353 5.38 -8.46 25.37
CA ILE A 353 6.20 -7.26 25.43
C ILE A 353 5.49 -6.13 26.19
N LYS A 354 4.40 -6.46 26.86
CA LYS A 354 3.55 -5.46 27.54
C LYS A 354 4.36 -4.68 28.59
N ASP A 355 5.28 -5.35 29.26
CA ASP A 355 6.11 -4.70 30.30
C ASP A 355 7.02 -3.62 29.72
N ARG A 356 7.57 -3.81 28.51
CA ARG A 356 8.61 -2.89 28.03
C ARG A 356 8.35 -2.28 26.65
N GLY A 357 7.30 -2.69 25.94
CA GLY A 357 7.13 -2.12 24.60
C GLY A 357 5.76 -1.57 24.32
N LEU A 358 5.68 -0.59 23.43
CA LEU A 358 4.39 -0.02 22.98
C LEU A 358 4.35 -0.04 21.46
N LEU A 359 3.27 -0.55 20.88
CA LEU A 359 3.08 -0.58 19.42
C LEU A 359 2.05 0.49 19.08
N VAL A 360 2.41 1.38 18.18
CA VAL A 360 1.49 2.49 17.81
C VAL A 360 1.18 2.29 16.34
N PRO A 361 -0.09 2.27 15.92
CA PRO A 361 -0.40 2.08 14.54
C PRO A 361 -0.26 3.33 13.67
N SER A 362 0.50 3.19 12.59
CA SER A 362 0.64 4.19 11.50
C SER A 362 1.39 5.48 11.84
N TRP A 363 0.99 6.22 12.86
CA TRP A 363 1.63 7.55 13.03
C TRP A 363 1.94 7.89 14.50
N ALA A 364 3.07 8.57 14.72
CA ALA A 364 3.45 9.09 16.04
C ALA A 364 3.99 10.52 15.86
N PRO A 365 3.89 11.41 16.86
CA PRO A 365 4.48 12.75 16.80
C PRO A 365 6.01 12.67 16.95
N GLN A 366 6.68 12.59 15.81
CA GLN A 366 8.08 12.20 15.72
C GLN A 366 8.98 13.17 16.48
N ILE A 367 8.77 14.48 16.30
CA ILE A 367 9.63 15.48 16.90
C ILE A 367 9.53 15.39 18.42
N LYS A 368 8.31 15.21 18.92
CA LYS A 368 8.06 15.14 20.36
C LYS A 368 8.70 13.88 20.92
N VAL A 369 8.69 12.80 20.15
CA VAL A 369 9.30 11.55 20.58
C VAL A 369 10.82 11.73 20.64
N LEU A 370 11.40 12.34 19.60
CA LEU A 370 12.84 12.46 19.47
C LEU A 370 13.41 13.43 20.51
N SER A 371 12.57 14.36 20.99
CA SER A 371 12.99 15.36 21.96
C SER A 371 12.69 14.91 23.39
N HIS A 372 11.93 13.82 23.54
CA HIS A 372 11.57 13.30 24.85
C HIS A 372 12.79 12.65 25.50
N GLY A 373 12.97 12.92 26.80
CA GLY A 373 14.13 12.47 27.56
C GLY A 373 14.22 10.96 27.70
N SER A 374 13.10 10.26 27.47
CA SER A 374 13.06 8.80 27.60
C SER A 374 13.65 8.10 26.38
N THR A 375 13.68 8.80 25.24
CA THR A 375 14.16 8.24 23.98
C THR A 375 15.69 8.16 23.99
N GLY A 376 16.22 6.96 23.77
CA GLY A 376 17.66 6.74 23.81
C GLY A 376 18.25 6.28 22.47
N GLY A 377 17.37 6.06 21.48
CA GLY A 377 17.78 5.56 20.18
C GLY A 377 16.65 5.68 19.15
N PHE A 378 17.03 5.65 17.86
CA PHE A 378 16.08 5.78 16.76
C PHE A 378 16.46 4.82 15.64
N LEU A 379 15.65 3.79 15.43
CA LEU A 379 15.76 2.94 14.26
C LEU A 379 14.96 3.60 13.13
N THR A 380 15.68 4.05 12.09
CA THR A 380 15.15 4.99 11.12
C THR A 380 15.52 4.55 9.70
N HIS A 381 14.75 5.05 8.72
CA HIS A 381 15.03 4.78 7.32
C HIS A 381 16.00 5.81 6.75
N CYS A 382 16.38 6.82 7.56
CA CYS A 382 17.42 7.79 7.23
C CYS A 382 16.94 8.81 6.20
N GLY A 383 15.63 9.06 6.13
CA GLY A 383 15.14 10.26 5.47
C GLY A 383 15.79 11.48 6.12
N TRP A 384 16.10 12.51 5.31
CA TRP A 384 16.92 13.61 5.78
C TRP A 384 16.19 14.43 6.86
N ASN A 385 14.87 14.58 6.70
CA ASN A 385 14.06 15.28 7.67
C ASN A 385 14.16 14.59 9.02
N SER A 386 13.98 13.26 9.01
CA SER A 386 14.04 12.42 10.20
C SER A 386 15.43 12.49 10.83
N THR A 387 16.46 12.42 9.99
CA THR A 387 17.84 12.43 10.43
C THR A 387 18.14 13.75 11.15
N LEU A 388 17.73 14.87 10.54
CA LEU A 388 18.00 16.20 11.09
C LEU A 388 17.32 16.34 12.46
N GLU A 389 16.08 15.82 12.58
CA GLU A 389 15.36 15.89 13.83
C GLU A 389 16.12 15.12 14.91
N SER A 390 16.70 13.99 14.50
CA SER A 390 17.46 13.12 15.40
C SER A 390 18.75 13.80 15.83
N ILE A 391 19.43 14.43 14.86
CA ILE A 391 20.68 15.12 15.10
C ILE A 391 20.47 16.25 16.10
N VAL A 392 19.42 17.06 15.93
CA VAL A 392 19.28 18.20 16.80
C VAL A 392 18.94 17.74 18.23
N ASN A 393 18.43 16.51 18.36
CA ASN A 393 18.00 16.01 19.65
C ASN A 393 19.03 15.08 20.27
N GLY A 394 20.11 14.79 19.51
CA GLY A 394 21.24 14.02 20.01
C GLY A 394 20.92 12.53 20.15
N VAL A 395 19.94 12.05 19.38
CA VAL A 395 19.53 10.65 19.44
C VAL A 395 20.32 9.85 18.41
N PRO A 396 21.11 8.84 18.83
CA PRO A 396 21.89 8.02 17.90
C PRO A 396 20.97 7.05 17.16
N LEU A 397 21.49 6.46 16.06
CA LEU A 397 20.62 5.78 15.11
C LEU A 397 21.02 4.32 14.94
N ILE A 398 20.01 3.50 14.58
CA ILE A 398 20.21 2.31 13.78
C ILE A 398 19.64 2.59 12.40
N VAL A 399 20.48 2.47 11.36
CA VAL A 399 20.08 2.88 10.02
C VAL A 399 19.47 1.69 9.29
N TRP A 400 18.32 1.95 8.64
CA TRP A 400 17.57 0.95 7.90
C TRP A 400 16.98 1.59 6.65
N PRO A 401 17.81 1.96 5.67
CA PRO A 401 17.37 2.70 4.48
C PRO A 401 16.43 1.97 3.53
N LEU A 402 15.52 2.71 2.91
CA LEU A 402 14.55 2.06 2.00
C LEU A 402 14.57 2.68 0.59
N TYR A 403 14.08 3.91 0.43
CA TYR A 403 13.91 4.52 -0.91
C TYR A 403 14.61 5.89 -1.03
N ALA A 404 14.43 6.53 -2.18
CA ALA A 404 15.02 7.86 -2.46
C ALA A 404 16.54 7.79 -2.31
N GLU A 405 17.14 8.64 -1.46
CA GLU A 405 18.61 8.68 -1.26
C GLU A 405 19.01 8.13 0.12
N GLN A 406 18.15 7.33 0.75
CA GLN A 406 18.35 6.81 2.13
C GLN A 406 19.59 5.92 2.27
N ARG A 407 19.90 5.10 1.28
CA ARG A 407 21.05 4.21 1.39
C ARG A 407 22.34 5.02 1.43
N MET A 408 22.37 6.13 0.68
CA MET A 408 23.49 7.05 0.67
C MET A 408 23.63 7.73 2.03
N ASN A 409 22.49 8.15 2.62
CA ASN A 409 22.48 8.80 3.91
C ASN A 409 22.96 7.83 5.00
N ALA A 410 22.55 6.56 4.87
CA ALA A 410 22.89 5.53 5.84
C ALA A 410 24.40 5.31 5.86
N VAL A 411 25.03 5.27 4.68
CA VAL A 411 26.46 5.05 4.59
C VAL A 411 27.18 6.25 5.21
N MET A 412 26.60 7.45 5.02
CA MET A 412 27.19 8.68 5.50
C MET A 412 27.15 8.73 7.02
N LEU A 413 26.02 8.33 7.61
CA LEU A 413 25.79 8.44 9.05
C LEU A 413 26.54 7.33 9.78
N ASN A 414 26.68 6.17 9.13
CA ASN A 414 27.25 4.98 9.76
C ASN A 414 28.76 5.01 9.62
N GLN A 415 29.25 5.03 8.37
CA GLN A 415 30.67 4.95 8.10
C GLN A 415 31.34 6.31 8.28
N GLY A 416 30.66 7.38 7.86
CA GLY A 416 31.26 8.71 7.82
C GLY A 416 31.30 9.39 9.19
N LEU A 417 30.11 9.55 9.81
CA LEU A 417 29.97 10.35 11.01
C LEU A 417 30.03 9.46 12.25
N LYS A 418 29.76 8.16 12.07
CA LYS A 418 29.78 7.16 13.13
C LYS A 418 28.77 7.51 14.23
N VAL A 419 27.57 7.95 13.82
CA VAL A 419 26.52 8.27 14.79
C VAL A 419 25.39 7.25 14.66
N ALA A 420 25.65 6.20 13.87
CA ALA A 420 24.63 5.23 13.53
C ALA A 420 25.24 3.83 13.53
N LEU A 421 24.44 2.86 13.98
CA LEU A 421 24.82 1.46 13.84
C LEU A 421 24.02 0.86 12.69
N ARG A 422 24.51 -0.27 12.17
CA ARG A 422 23.90 -0.89 11.02
C ARG A 422 23.91 -2.41 11.19
N PRO A 423 22.73 -3.07 11.11
CA PRO A 423 22.67 -4.53 11.18
C PRO A 423 23.14 -5.14 9.86
N ASN A 424 23.75 -6.31 9.99
CA ASN A 424 24.21 -7.04 8.79
C ASN A 424 23.03 -7.81 8.23
N ALA A 425 22.78 -7.65 6.94
CA ALA A 425 21.73 -8.41 6.26
C ALA A 425 22.29 -9.78 5.91
N SER A 426 21.40 -10.76 5.72
CA SER A 426 21.75 -12.13 5.28
C SER A 426 21.99 -12.13 3.78
N GLN A 427 22.42 -13.26 3.22
CA GLN A 427 22.73 -13.29 1.76
C GLN A 427 21.47 -12.89 0.98
N ARG A 428 20.33 -13.46 1.36
CA ARG A 428 19.01 -13.13 0.78
C ARG A 428 18.72 -11.62 0.93
N GLY A 429 19.19 -10.98 2.00
CA GLY A 429 18.94 -9.55 2.22
C GLY A 429 18.00 -9.30 3.38
N LEU A 430 17.58 -10.37 4.06
CA LEU A 430 16.67 -10.27 5.22
C LEU A 430 17.49 -10.05 6.48
N VAL A 431 17.06 -9.14 7.35
CA VAL A 431 17.82 -8.97 8.61
C VAL A 431 17.17 -9.89 9.63
N GLU A 432 17.93 -10.82 10.13
CA GLU A 432 17.46 -11.85 11.10
C GLU A 432 17.23 -11.25 12.48
N ALA A 433 16.35 -11.85 13.26
CA ALA A 433 15.95 -11.36 14.59
C ALA A 433 17.16 -11.33 15.52
N ASP A 434 18.01 -12.35 15.44
CA ASP A 434 19.22 -12.44 16.31
C ASP A 434 20.13 -11.24 16.01
N GLU A 435 20.26 -10.88 14.73
CA GLU A 435 21.08 -9.72 14.33
C GLU A 435 20.44 -8.42 14.85
N ILE A 436 19.12 -8.31 14.75
CA ILE A 436 18.38 -7.10 15.20
C ILE A 436 18.56 -6.93 16.71
N ALA A 437 18.45 -8.01 17.46
CA ALA A 437 18.64 -7.95 18.92
C ALA A 437 20.07 -7.53 19.25
N ARG A 438 21.05 -8.03 18.51
CA ARG A 438 22.44 -7.69 18.74
C ARG A 438 22.65 -6.19 18.60
N VAL A 439 22.09 -5.60 17.54
CA VAL A 439 22.32 -4.20 17.23
C VAL A 439 21.52 -3.31 18.18
N VAL A 440 20.34 -3.76 18.61
CA VAL A 440 19.56 -3.00 19.56
C VAL A 440 20.32 -2.90 20.89
N LYS A 441 20.90 -4.02 21.33
CA LYS A 441 21.66 -4.07 22.57
C LYS A 441 22.93 -3.24 22.44
N GLU A 442 23.59 -3.33 21.28
CA GLU A 442 24.81 -2.58 21.02
C GLU A 442 24.52 -1.09 21.16
N LEU A 443 23.40 -0.62 20.59
CA LEU A 443 23.07 0.80 20.65
C LEU A 443 22.68 1.19 22.07
N MET A 444 21.76 0.47 22.68
CA MET A 444 21.24 0.78 24.03
C MET A 444 22.26 0.57 25.17
N ASP A 445 23.04 -0.50 25.17
CA ASP A 445 23.97 -0.77 26.30
C ASP A 445 25.43 -0.93 25.88
N GLY A 446 25.67 -1.27 24.63
CA GLY A 446 27.00 -1.55 24.10
C GLY A 446 27.92 -0.36 23.97
N ASP A 447 29.20 -0.64 23.81
CA ASP A 447 30.24 0.37 23.70
C ASP A 447 30.16 1.11 22.37
N GLU A 448 29.77 0.42 21.29
CA GLU A 448 29.57 1.04 20.00
C GLU A 448 28.44 2.07 20.08
N GLY A 449 27.40 1.75 20.86
CA GLY A 449 26.27 2.64 21.08
C GLY A 449 26.66 3.86 21.89
N LYS A 450 27.61 3.67 22.82
CA LYS A 450 28.16 4.73 23.63
C LYS A 450 28.95 5.69 22.73
N LYS A 451 29.75 5.14 21.84
CA LYS A 451 30.57 5.92 20.92
C LYS A 451 29.67 6.72 19.97
N ALA A 452 28.67 6.05 19.39
CA ALA A 452 27.72 6.70 18.48
C ALA A 452 26.95 7.79 19.22
N ARG A 453 26.58 7.52 20.48
CA ARG A 453 25.82 8.46 21.29
C ARG A 453 26.63 9.73 21.56
N TYR A 454 27.93 9.58 21.86
CA TYR A 454 28.76 10.74 22.16
C TYR A 454 28.95 11.60 20.91
N LYS A 455 29.16 10.95 19.76
CA LYS A 455 29.36 11.67 18.51
C LYS A 455 28.07 12.42 18.14
N MET A 456 26.91 11.79 18.38
CA MET A 456 25.62 12.38 18.03
C MET A 456 25.34 13.59 18.93
N ARG A 457 25.77 13.52 20.19
CA ARG A 457 25.62 14.63 21.12
C ARG A 457 26.52 15.79 20.70
N GLU A 458 27.72 15.48 20.19
CA GLU A 458 28.63 16.48 19.65
C GLU A 458 27.93 17.24 18.52
N LEU A 459 27.33 16.49 17.58
CA LEU A 459 26.62 17.08 16.44
C LEU A 459 25.43 17.90 16.94
N SER A 460 24.75 17.40 17.97
CA SER A 460 23.62 18.10 18.56
C SER A 460 24.05 19.45 19.11
N ASP A 461 25.24 19.50 19.72
CA ASP A 461 25.81 20.73 20.26
C ASP A 461 26.11 21.71 19.13
N SER A 462 26.79 21.23 18.08
CA SER A 462 27.11 22.03 16.91
C SER A 462 25.85 22.58 16.27
N ALA A 463 24.83 21.71 16.13
CA ALA A 463 23.57 22.09 15.51
C ALA A 463 22.95 23.26 16.26
N LYS A 464 23.01 23.22 17.60
CA LYS A 464 22.45 24.28 18.43
C LYS A 464 23.27 25.57 18.24
N ARG A 465 24.59 25.43 18.08
CA ARG A 465 25.48 26.55 17.92
C ARG A 465 25.23 27.28 16.60
N VAL A 466 25.13 26.53 15.50
CA VAL A 466 25.11 27.12 14.17
C VAL A 466 23.78 27.82 13.90
N THR A 467 22.74 27.46 14.67
CA THR A 467 21.42 28.04 14.44
C THR A 467 21.09 29.07 15.52
N SER A 468 22.05 29.36 16.40
CA SER A 468 21.88 30.40 17.41
C SER A 468 21.94 31.77 16.75
N GLU A 469 21.69 32.83 17.54
CA GLU A 469 21.56 34.19 17.05
C GLU A 469 22.76 34.59 16.19
N ASN A 470 23.95 34.17 16.61
CA ASN A 470 25.21 34.54 15.98
C ASN A 470 25.84 33.34 15.28
N GLY A 471 25.08 32.23 15.21
CA GLY A 471 25.57 31.00 14.62
C GLY A 471 25.84 31.13 13.13
N GLU A 472 26.67 30.21 12.62
CA GLU A 472 27.17 30.21 11.26
C GLU A 472 26.01 30.10 10.26
N SER A 473 25.04 29.23 10.55
CA SER A 473 23.92 29.01 9.65
C SER A 473 23.01 30.24 9.62
N THR A 474 22.72 30.78 10.81
CA THR A 474 21.89 31.96 10.96
C THR A 474 22.48 33.13 10.17
N LYS A 475 23.81 33.33 10.34
CA LYS A 475 24.50 34.47 9.79
C LYS A 475 24.52 34.41 8.27
N LEU A 476 24.78 33.20 7.73
CA LEU A 476 24.86 33.03 6.29
C LEU A 476 23.52 33.35 5.62
N LEU A 477 22.42 32.82 6.18
CA LEU A 477 21.11 33.07 5.61
C LEU A 477 20.81 34.56 5.62
N SER A 478 21.16 35.20 6.75
CA SER A 478 20.95 36.62 6.97
C SER A 478 21.75 37.44 5.95
N GLU A 479 22.96 36.96 5.61
CA GLU A 479 23.85 37.63 4.67
C GLU A 479 23.25 37.60 3.27
N VAL A 480 22.65 36.47 2.91
CA VAL A 480 22.04 36.32 1.58
C VAL A 480 20.76 37.14 1.52
N ALA A 481 19.98 37.13 2.61
CA ALA A 481 18.73 37.84 2.68
C ALA A 481 18.95 39.35 2.55
N SER A 482 20.07 39.83 3.09
CA SER A 482 20.36 41.26 3.14
C SER A 482 20.50 41.86 1.74
N LYS A 483 21.00 41.05 0.78
CA LYS A 483 21.15 41.52 -0.59
C LYS A 483 19.79 41.62 -1.27
N TRP A 484 18.77 40.94 -0.73
CA TRP A 484 17.42 41.01 -1.27
C TRP A 484 16.72 42.27 -0.79
N SER A 485 17.17 42.82 0.34
CA SER A 485 16.61 44.04 0.90
C SER A 485 17.20 45.27 0.20
N GLN A 486 18.27 45.04 -0.57
CA GLN A 486 19.05 46.07 -1.24
C GLN A 486 19.54 47.12 -0.25
N ALA B 25 -16.42 -40.98 14.85
CA ALA B 25 -16.10 -39.62 14.33
C ALA B 25 -15.16 -39.72 13.13
N PRO B 26 -15.68 -39.97 11.89
CA PRO B 26 -14.85 -40.00 10.69
C PRO B 26 -14.22 -38.63 10.41
N LEU B 27 -13.01 -38.63 9.86
CA LEU B 27 -12.17 -37.44 9.83
C LEU B 27 -12.02 -36.92 8.40
N ILE B 28 -12.32 -35.63 8.22
CA ILE B 28 -12.07 -34.91 6.99
C ILE B 28 -10.82 -34.06 7.18
N VAL B 29 -9.87 -34.18 6.25
CA VAL B 29 -8.64 -33.41 6.30
C VAL B 29 -8.75 -32.28 5.28
N ILE B 30 -8.43 -31.06 5.72
CA ILE B 30 -8.50 -29.88 4.86
C ILE B 30 -7.14 -29.19 4.86
N VAL B 31 -6.63 -28.92 3.66
CA VAL B 31 -5.31 -28.34 3.50
C VAL B 31 -5.43 -27.00 2.76
N PRO B 32 -5.55 -25.87 3.49
CA PRO B 32 -5.63 -24.56 2.86
C PRO B 32 -4.25 -24.14 2.34
N SER B 33 -4.25 -23.38 1.25
CA SER B 33 -3.04 -22.69 0.84
C SER B 33 -2.63 -21.69 1.93
N PRO B 34 -1.33 -21.36 2.08
CA PRO B 34 -0.88 -20.42 3.11
C PRO B 34 -1.48 -19.02 2.93
N GLY B 35 -1.68 -18.31 4.05
CA GLY B 35 -2.23 -16.97 4.03
C GLY B 35 -3.70 -16.95 4.48
N MET B 36 -4.08 -15.86 5.14
CA MET B 36 -5.43 -15.69 5.69
C MET B 36 -6.46 -15.71 4.57
N GLY B 37 -6.08 -15.17 3.41
CA GLY B 37 -6.96 -15.10 2.26
C GLY B 37 -7.46 -16.48 1.82
N HIS B 38 -6.65 -17.52 2.07
CA HIS B 38 -7.02 -18.87 1.68
C HIS B 38 -7.62 -19.61 2.88
N LEU B 39 -7.15 -19.27 4.09
CA LEU B 39 -7.59 -19.95 5.29
C LEU B 39 -9.07 -19.67 5.56
N ILE B 40 -9.47 -18.41 5.43
CA ILE B 40 -10.79 -17.95 5.84
C ILE B 40 -11.90 -18.74 5.12
N PRO B 41 -11.92 -18.82 3.77
CA PRO B 41 -13.00 -19.50 3.07
C PRO B 41 -13.10 -21.00 3.40
N LEU B 42 -11.95 -21.66 3.60
CA LEU B 42 -11.94 -23.08 3.91
C LEU B 42 -12.32 -23.32 5.36
N VAL B 43 -12.04 -22.34 6.24
CA VAL B 43 -12.47 -22.42 7.62
C VAL B 43 -14.00 -22.36 7.66
N GLU B 44 -14.59 -21.50 6.82
CA GLU B 44 -16.04 -21.39 6.73
C GLU B 44 -16.63 -22.71 6.24
N PHE B 45 -15.95 -23.36 5.29
CA PHE B 45 -16.40 -24.65 4.78
C PHE B 45 -16.33 -25.71 5.89
N ALA B 46 -15.25 -25.66 6.68
CA ALA B 46 -15.05 -26.58 7.79
C ALA B 46 -16.20 -26.44 8.78
N LYS B 47 -16.60 -25.19 9.06
CA LYS B 47 -17.65 -24.91 10.02
C LYS B 47 -18.98 -25.49 9.53
N VAL B 48 -19.23 -25.41 8.22
CA VAL B 48 -20.45 -25.93 7.63
C VAL B 48 -20.51 -27.44 7.82
N LEU B 49 -19.37 -28.11 7.57
CA LEU B 49 -19.29 -29.57 7.58
C LEU B 49 -19.54 -30.13 8.99
N VAL B 50 -18.94 -29.49 10.01
CA VAL B 50 -19.01 -30.03 11.35
C VAL B 50 -20.35 -29.68 12.00
N SER B 51 -21.00 -28.61 11.51
CA SER B 51 -22.25 -28.17 12.09
C SER B 51 -23.41 -28.98 11.53
N ARG B 52 -23.29 -29.45 10.29
CA ARG B 52 -24.38 -30.15 9.64
C ARG B 52 -24.23 -31.67 9.78
N PHE B 53 -23.00 -32.15 9.95
CA PHE B 53 -22.77 -33.59 9.90
C PHE B 53 -21.93 -34.05 11.09
N HIS B 54 -21.87 -35.38 11.26
CA HIS B 54 -21.05 -36.01 12.28
C HIS B 54 -19.66 -36.28 11.69
N PHE B 55 -18.88 -35.20 11.56
CA PHE B 55 -17.52 -35.29 11.06
C PHE B 55 -16.58 -34.57 12.00
N SER B 56 -15.34 -35.07 12.09
CA SER B 56 -14.23 -34.30 12.62
C SER B 56 -13.47 -33.70 11.44
N VAL B 57 -12.99 -32.47 11.62
CA VAL B 57 -12.15 -31.83 10.62
C VAL B 57 -10.77 -31.60 11.22
N SER B 58 -9.74 -31.93 10.44
CA SER B 58 -8.37 -31.63 10.80
C SER B 58 -7.77 -30.69 9.76
N LEU B 59 -7.40 -29.48 10.20
CA LEU B 59 -6.74 -28.52 9.33
C LEU B 59 -5.22 -28.73 9.37
N LEU B 60 -4.64 -29.07 8.22
CA LEU B 60 -3.20 -29.14 8.06
C LEU B 60 -2.74 -27.91 7.29
N LEU B 61 -1.87 -27.10 7.91
CA LEU B 61 -1.54 -25.78 7.39
C LEU B 61 -0.07 -25.74 6.97
N PRO B 62 0.23 -25.79 5.64
CA PRO B 62 1.57 -25.54 5.15
C PRO B 62 1.92 -24.09 5.44
N THR B 63 3.17 -23.84 5.84
CA THR B 63 3.56 -22.51 6.29
C THR B 63 5.05 -22.28 6.08
N THR B 64 5.42 -20.99 5.98
CA THR B 64 6.80 -20.57 5.85
C THR B 64 7.23 -19.79 7.08
N ALA B 65 6.32 -19.65 8.06
CA ALA B 65 6.56 -18.86 9.26
C ALA B 65 5.77 -19.43 10.43
N GLN B 66 6.11 -18.96 11.63
CA GLN B 66 5.38 -19.30 12.85
C GLN B 66 3.99 -18.70 12.80
N PRO B 67 3.00 -19.29 13.51
CA PRO B 67 1.62 -18.77 13.52
C PRO B 67 1.56 -17.27 13.81
N THR B 68 0.71 -16.56 13.07
CA THR B 68 0.44 -15.16 13.34
C THR B 68 -0.68 -15.05 14.38
N LYS B 69 -0.85 -13.86 14.96
CA LYS B 69 -1.92 -13.60 15.90
C LYS B 69 -3.27 -13.81 15.22
N ALA B 70 -3.38 -13.34 13.97
CA ALA B 70 -4.63 -13.42 13.22
C ALA B 70 -4.99 -14.87 12.95
N GLN B 71 -4.01 -15.69 12.57
CA GLN B 71 -4.25 -17.10 12.32
C GLN B 71 -4.67 -17.78 13.62
N THR B 72 -3.92 -17.52 14.68
CA THR B 72 -4.16 -18.10 16.00
C THR B 72 -5.57 -17.78 16.48
N THR B 73 -5.98 -16.51 16.33
CA THR B 73 -7.28 -16.05 16.81
C THR B 73 -8.40 -16.75 16.05
N LEU B 74 -8.22 -16.91 14.74
CA LEU B 74 -9.22 -17.57 13.92
C LEU B 74 -9.33 -19.03 14.33
N LEU B 75 -8.17 -19.71 14.41
CA LEU B 75 -8.14 -21.15 14.59
C LEU B 75 -8.65 -21.53 15.98
N ASN B 76 -8.40 -20.66 16.97
CA ASN B 76 -8.79 -20.95 18.35
C ASN B 76 -10.28 -20.72 18.54
N SER B 77 -10.91 -19.98 17.61
CA SER B 77 -12.33 -19.66 17.69
C SER B 77 -13.19 -20.84 17.20
N LEU B 78 -12.55 -21.84 16.58
CA LEU B 78 -13.28 -22.92 15.92
C LEU B 78 -13.79 -23.93 16.96
N PRO B 79 -14.86 -24.69 16.62
CA PRO B 79 -15.37 -25.75 17.51
C PRO B 79 -14.37 -26.87 17.73
N SER B 80 -14.57 -27.64 18.79
CA SER B 80 -13.60 -28.70 19.16
C SER B 80 -13.45 -29.70 18.01
N SER B 81 -14.54 -29.94 17.29
CA SER B 81 -14.56 -30.94 16.23
C SER B 81 -13.55 -30.59 15.14
N VAL B 82 -13.13 -29.31 15.09
CA VAL B 82 -12.13 -28.84 14.14
C VAL B 82 -10.81 -28.65 14.88
N SER B 83 -9.83 -29.49 14.54
CA SER B 83 -8.48 -29.33 15.08
C SER B 83 -7.57 -28.74 14.00
N HIS B 84 -6.41 -28.26 14.42
CA HIS B 84 -5.46 -27.69 13.46
C HIS B 84 -4.02 -28.07 13.85
N ASN B 85 -3.19 -28.21 12.81
CA ASN B 85 -1.77 -28.45 12.97
C ASN B 85 -1.01 -27.68 11.91
N PHE B 86 -0.09 -26.84 12.35
CA PHE B 86 0.89 -26.23 11.47
C PHE B 86 1.92 -27.29 11.11
N LEU B 87 2.11 -27.51 9.81
CA LEU B 87 3.08 -28.47 9.32
C LEU B 87 4.49 -27.92 9.56
N PRO B 88 5.53 -28.79 9.62
CA PRO B 88 6.90 -28.31 9.79
C PRO B 88 7.17 -27.19 8.79
N THR B 89 7.71 -26.07 9.29
CA THR B 89 7.92 -24.87 8.52
C THR B 89 8.80 -25.16 7.31
N VAL B 90 8.41 -24.60 6.16
CA VAL B 90 9.31 -24.58 5.02
C VAL B 90 10.13 -23.29 5.10
N ASP B 91 11.44 -23.46 5.05
CA ASP B 91 12.39 -22.37 5.17
C ASP B 91 12.26 -21.45 3.95
N PRO B 92 11.97 -20.14 4.15
CA PRO B 92 11.90 -19.19 3.04
C PRO B 92 13.19 -19.09 2.24
N ALA B 93 14.29 -19.56 2.83
CA ALA B 93 15.60 -19.59 2.18
C ALA B 93 15.60 -20.58 1.01
N HIS B 94 14.71 -21.58 1.08
CA HIS B 94 14.60 -22.58 0.03
C HIS B 94 13.61 -22.14 -1.04
N LEU B 95 13.11 -20.90 -0.94
CA LEU B 95 12.11 -20.39 -1.86
C LEU B 95 12.67 -19.18 -2.61
N PRO B 96 12.26 -18.96 -3.88
CA PRO B 96 12.69 -17.80 -4.65
C PRO B 96 12.02 -16.50 -4.20
N ASP B 97 12.61 -15.37 -4.61
CA ASP B 97 12.14 -14.05 -4.24
C ASP B 97 11.79 -13.24 -5.49
N GLY B 98 10.90 -12.26 -5.32
CA GLY B 98 10.47 -11.40 -6.41
C GLY B 98 9.56 -12.11 -7.41
N VAL B 99 8.94 -13.22 -6.98
CA VAL B 99 7.99 -13.97 -7.80
C VAL B 99 6.58 -13.71 -7.29
N ALA B 100 5.59 -14.02 -8.13
CA ALA B 100 4.18 -13.82 -7.81
C ALA B 100 3.76 -14.71 -6.65
N HIS B 101 2.70 -14.29 -5.94
CA HIS B 101 2.21 -14.97 -4.75
C HIS B 101 1.78 -16.40 -5.06
N GLU B 102 1.21 -16.60 -6.25
CA GLU B 102 0.73 -17.89 -6.70
C GLU B 102 1.90 -18.88 -6.75
N VAL B 103 3.07 -18.38 -7.17
CA VAL B 103 4.27 -19.21 -7.27
C VAL B 103 4.71 -19.61 -5.87
N THR B 104 4.77 -18.63 -4.96
CA THR B 104 5.17 -18.87 -3.57
C THR B 104 4.24 -19.92 -2.95
N ILE B 105 2.94 -19.77 -3.18
CA ILE B 105 1.93 -20.67 -2.64
C ILE B 105 2.16 -22.08 -3.17
N SER B 106 2.38 -22.19 -4.49
CA SER B 106 2.51 -23.47 -5.16
C SER B 106 3.75 -24.21 -4.64
N LEU B 107 4.85 -23.48 -4.48
CA LEU B 107 6.11 -24.04 -4.02
C LEU B 107 6.03 -24.47 -2.56
N THR B 108 5.27 -23.71 -1.76
CA THR B 108 5.08 -24.04 -0.35
C THR B 108 4.38 -25.39 -0.23
N HIS B 109 3.33 -25.60 -1.04
CA HIS B 109 2.63 -26.88 -1.11
C HIS B 109 3.62 -28.00 -1.44
N ALA B 110 4.44 -27.78 -2.48
CA ALA B 110 5.37 -28.77 -2.98
C ALA B 110 6.37 -29.16 -1.89
N HIS B 111 6.86 -28.18 -1.14
CA HIS B 111 7.86 -28.40 -0.11
C HIS B 111 7.25 -29.06 1.13
N SER B 112 5.92 -29.00 1.24
CA SER B 112 5.22 -29.53 2.39
C SER B 112 4.66 -30.92 2.10
N LEU B 113 4.84 -31.40 0.86
CA LEU B 113 4.20 -32.62 0.40
C LEU B 113 4.57 -33.82 1.28
N SER B 114 5.86 -33.97 1.59
CA SER B 114 6.34 -35.05 2.45
C SER B 114 5.67 -34.98 3.82
N SER B 115 5.64 -33.77 4.39
CA SER B 115 5.02 -33.51 5.68
C SER B 115 3.56 -33.95 5.70
N ILE B 116 2.84 -33.64 4.60
CA ILE B 116 1.42 -33.94 4.51
C ILE B 116 1.22 -35.45 4.45
N ARG B 117 2.10 -36.14 3.72
CA ARG B 117 2.05 -37.59 3.63
C ARG B 117 2.22 -38.21 5.02
N ALA B 118 3.18 -37.68 5.78
CA ALA B 118 3.49 -38.17 7.12
C ALA B 118 2.33 -37.89 8.07
N ALA B 119 1.75 -36.70 7.96
CA ALA B 119 0.63 -36.28 8.79
C ALA B 119 -0.58 -37.15 8.49
N LEU B 120 -0.80 -37.45 7.21
CA LEU B 120 -1.92 -38.29 6.79
C LEU B 120 -1.74 -39.70 7.35
N GLY B 121 -0.51 -40.19 7.33
CA GLY B 121 -0.16 -41.48 7.92
C GLY B 121 -0.45 -41.52 9.42
N SER B 122 -0.12 -40.43 10.11
CA SER B 122 -0.34 -40.31 11.54
C SER B 122 -1.83 -40.26 11.85
N LEU B 123 -2.59 -39.48 11.06
CA LEU B 123 -4.01 -39.28 11.29
C LEU B 123 -4.78 -40.58 11.05
N ALA B 124 -4.32 -41.35 10.05
CA ALA B 124 -4.95 -42.59 9.62
C ALA B 124 -4.89 -43.63 10.74
N GLN B 125 -3.95 -43.45 11.68
CA GLN B 125 -3.80 -44.34 12.83
C GLN B 125 -4.88 -44.04 13.86
N GLN B 126 -5.27 -42.77 13.96
CA GLN B 126 -6.13 -42.28 15.03
C GLN B 126 -7.60 -42.39 14.62
N ALA B 127 -7.87 -42.24 13.31
CA ALA B 127 -9.23 -42.29 12.78
C ALA B 127 -9.17 -42.67 11.30
N GLN B 128 -10.33 -42.98 10.71
CA GLN B 128 -10.42 -43.20 9.28
C GLN B 128 -10.60 -41.85 8.58
N VAL B 129 -9.74 -41.61 7.59
CA VAL B 129 -9.76 -40.35 6.85
C VAL B 129 -10.61 -40.57 5.61
N VAL B 130 -11.76 -39.89 5.57
CA VAL B 130 -12.80 -40.18 4.59
C VAL B 130 -12.67 -39.25 3.38
N ALA B 131 -12.06 -38.07 3.57
CA ALA B 131 -11.91 -37.12 2.48
C ALA B 131 -10.75 -36.16 2.75
N LEU B 132 -10.18 -35.66 1.65
CA LEU B 132 -9.18 -34.60 1.67
C LEU B 132 -9.69 -33.45 0.81
N ILE B 133 -9.73 -32.26 1.40
CA ILE B 133 -10.24 -31.06 0.65
C ILE B 133 -9.15 -29.98 0.62
N THR B 134 -8.83 -29.49 -0.59
CA THR B 134 -7.82 -28.41 -0.76
C THR B 134 -8.34 -27.39 -1.77
N ASP B 135 -7.74 -26.19 -1.64
CA ASP B 135 -7.94 -24.94 -2.41
C ASP B 135 -7.33 -25.13 -3.80
N LEU B 136 -7.64 -24.19 -4.70
CA LEU B 136 -7.27 -24.28 -6.10
C LEU B 136 -5.76 -24.44 -6.29
N PHE B 137 -4.97 -24.30 -5.22
CA PHE B 137 -3.53 -24.40 -5.34
C PHE B 137 -2.98 -25.63 -4.62
N GLY B 138 -3.88 -26.49 -4.12
CA GLY B 138 -3.47 -27.69 -3.42
C GLY B 138 -3.57 -28.95 -4.28
N THR B 139 -3.51 -28.78 -5.61
CA THR B 139 -3.83 -29.85 -6.55
C THR B 139 -2.73 -30.91 -6.58
N GLY B 140 -1.53 -30.55 -6.12
CA GLY B 140 -0.40 -31.47 -6.05
C GLY B 140 -0.65 -32.63 -5.10
N LEU B 141 -1.67 -32.51 -4.24
CA LEU B 141 -1.94 -33.46 -3.20
C LEU B 141 -2.86 -34.58 -3.70
N TYR B 142 -3.44 -34.39 -4.89
CA TYR B 142 -4.58 -35.21 -5.29
C TYR B 142 -4.17 -36.66 -5.56
N THR B 143 -3.06 -36.83 -6.30
CA THR B 143 -2.51 -38.15 -6.59
C THR B 143 -2.08 -38.82 -5.29
N VAL B 144 -1.42 -38.05 -4.42
CA VAL B 144 -0.96 -38.50 -3.13
C VAL B 144 -2.11 -39.07 -2.32
N ALA B 145 -3.24 -38.34 -2.31
CA ALA B 145 -4.42 -38.74 -1.56
C ALA B 145 -5.01 -40.04 -2.12
N ARG B 146 -5.08 -40.13 -3.45
CA ARG B 146 -5.64 -41.30 -4.09
C ARG B 146 -4.81 -42.55 -3.78
N ASP B 147 -3.49 -42.37 -3.62
CA ASP B 147 -2.57 -43.46 -3.32
C ASP B 147 -2.80 -43.99 -1.90
N LEU B 148 -3.30 -43.12 -1.00
CA LEU B 148 -3.60 -43.54 0.35
C LEU B 148 -5.05 -44.00 0.45
N GLY B 149 -5.76 -43.93 -0.68
CA GLY B 149 -7.16 -44.31 -0.74
C GLY B 149 -8.08 -43.26 -0.13
N ILE B 150 -7.64 -41.99 -0.16
CA ILE B 150 -8.45 -40.89 0.33
C ILE B 150 -8.93 -40.08 -0.87
N PRO B 151 -10.27 -39.95 -1.08
CA PRO B 151 -10.77 -39.16 -2.20
C PRO B 151 -10.46 -37.67 -1.98
N PRO B 152 -9.75 -37.02 -2.93
CA PRO B 152 -9.43 -35.60 -2.83
C PRO B 152 -10.49 -34.72 -3.51
N TYR B 153 -10.80 -33.57 -2.89
CA TYR B 153 -11.79 -32.66 -3.42
C TYR B 153 -11.23 -31.25 -3.52
N LEU B 154 -11.75 -30.52 -4.52
CA LEU B 154 -11.48 -29.11 -4.68
C LEU B 154 -12.66 -28.31 -4.13
N TYR B 155 -12.37 -27.42 -3.18
CA TYR B 155 -13.30 -26.38 -2.80
C TYR B 155 -12.97 -25.13 -3.61
N PHE B 156 -13.78 -24.87 -4.64
CA PHE B 156 -13.53 -23.77 -5.56
C PHE B 156 -14.23 -22.52 -5.05
N THR B 157 -13.48 -21.42 -4.95
CA THR B 157 -13.93 -20.25 -4.22
C THR B 157 -14.45 -19.15 -5.15
N SER B 158 -14.46 -19.38 -6.47
CA SER B 158 -15.04 -18.40 -7.38
C SER B 158 -16.33 -18.93 -8.01
N THR B 159 -16.80 -18.23 -9.04
CA THR B 159 -18.06 -18.53 -9.71
C THR B 159 -17.93 -19.82 -10.50
N ALA B 160 -19.08 -20.45 -10.79
CA ALA B 160 -19.14 -21.57 -11.71
C ALA B 160 -18.64 -21.12 -13.09
N MET B 161 -18.96 -19.88 -13.46
CA MET B 161 -18.51 -19.32 -14.72
C MET B 161 -16.99 -19.26 -14.74
N CYS B 162 -16.38 -18.91 -13.59
CA CYS B 162 -14.94 -18.79 -13.50
C CYS B 162 -14.30 -20.18 -13.63
N LEU B 163 -14.93 -21.18 -13.01
CA LEU B 163 -14.44 -22.55 -13.08
C LEU B 163 -14.51 -23.04 -14.53
N LEU B 164 -15.65 -22.77 -15.20
CA LEU B 164 -15.82 -23.13 -16.60
C LEU B 164 -14.71 -22.49 -17.43
N PHE B 165 -14.43 -21.21 -17.18
CA PHE B 165 -13.41 -20.51 -17.93
C PHE B 165 -12.06 -21.22 -17.79
N LEU B 166 -11.75 -21.67 -16.57
CA LEU B 166 -10.46 -22.27 -16.29
C LEU B 166 -10.33 -23.61 -17.01
N PHE B 167 -11.44 -24.36 -17.10
CA PHE B 167 -11.43 -25.66 -17.76
C PHE B 167 -11.18 -25.50 -19.27
N HIS B 168 -11.49 -24.32 -19.82
CA HIS B 168 -11.27 -24.03 -21.22
C HIS B 168 -9.92 -23.34 -21.43
N LEU B 169 -9.25 -22.97 -20.34
CA LEU B 169 -8.03 -22.18 -20.46
C LEU B 169 -6.93 -22.97 -21.17
N PRO B 170 -6.77 -24.30 -20.94
CA PRO B 170 -5.80 -25.09 -21.70
C PRO B 170 -5.98 -24.98 -23.21
N LYS B 171 -7.23 -25.18 -23.68
CA LYS B 171 -7.58 -25.15 -25.09
C LYS B 171 -7.36 -23.74 -25.65
N LEU B 172 -7.67 -22.73 -24.84
CA LEU B 172 -7.48 -21.33 -25.19
C LEU B 172 -6.00 -21.04 -25.38
N ASP B 173 -5.18 -21.57 -24.47
CA ASP B 173 -3.73 -21.35 -24.47
C ASP B 173 -3.13 -21.89 -25.76
N GLU B 174 -3.69 -22.99 -26.26
CA GLU B 174 -3.18 -23.68 -27.44
C GLU B 174 -3.56 -22.94 -28.71
N THR B 175 -4.80 -22.45 -28.79
CA THR B 175 -5.36 -21.94 -30.03
C THR B 175 -5.17 -20.42 -30.15
N VAL B 176 -4.74 -19.78 -29.06
CA VAL B 176 -4.45 -18.36 -29.03
C VAL B 176 -3.00 -18.18 -28.61
N SER B 177 -2.27 -17.31 -29.32
CA SER B 177 -0.84 -17.11 -29.05
C SER B 177 -0.57 -15.70 -28.54
N CYS B 178 -1.46 -14.76 -28.89
CA CYS B 178 -1.35 -13.37 -28.46
C CYS B 178 -1.89 -13.22 -27.03
N GLU B 179 -1.61 -12.06 -26.42
CA GLU B 179 -2.18 -11.73 -25.12
C GLU B 179 -3.70 -11.64 -25.27
N TYR B 180 -4.42 -12.16 -24.27
CA TYR B 180 -5.86 -12.33 -24.38
C TYR B 180 -6.57 -10.99 -24.56
N ARG B 181 -5.95 -9.91 -24.07
CA ARG B 181 -6.50 -8.57 -24.18
C ARG B 181 -6.53 -8.13 -25.65
N ASP B 182 -5.72 -8.79 -26.50
CA ASP B 182 -5.56 -8.42 -27.89
C ASP B 182 -6.45 -9.29 -28.78
N MET B 183 -7.18 -10.23 -28.17
CA MET B 183 -8.08 -11.12 -28.88
C MET B 183 -9.09 -10.29 -29.67
N PRO B 184 -9.33 -10.61 -30.96
CA PRO B 184 -10.23 -9.83 -31.80
C PRO B 184 -11.70 -9.97 -31.41
N GLU B 185 -12.08 -11.14 -30.87
CA GLU B 185 -13.46 -11.45 -30.54
C GLU B 185 -13.57 -11.86 -29.07
N PRO B 186 -14.72 -11.61 -28.41
CA PRO B 186 -14.97 -12.14 -27.06
C PRO B 186 -15.14 -13.66 -27.11
N LEU B 187 -14.88 -14.32 -25.96
CA LEU B 187 -15.09 -15.75 -25.82
C LEU B 187 -16.49 -16.00 -25.29
N VAL B 188 -17.19 -16.97 -25.90
CA VAL B 188 -18.53 -17.34 -25.49
C VAL B 188 -18.48 -18.79 -24.97
N LEU B 189 -18.47 -18.93 -23.64
CA LEU B 189 -18.57 -20.24 -23.00
C LEU B 189 -20.02 -20.69 -23.10
N PRO B 190 -20.29 -21.99 -23.38
CA PRO B 190 -21.66 -22.48 -23.51
C PRO B 190 -22.51 -22.11 -22.29
N GLY B 191 -23.60 -21.37 -22.55
CA GLY B 191 -24.57 -21.00 -21.52
C GLY B 191 -24.17 -19.74 -20.75
N CYS B 192 -23.14 -19.04 -21.24
CA CYS B 192 -22.60 -17.90 -20.53
C CYS B 192 -22.62 -16.65 -21.40
N VAL B 193 -22.63 -15.49 -20.73
CA VAL B 193 -22.51 -14.19 -21.38
C VAL B 193 -21.15 -14.12 -22.07
N PRO B 194 -21.02 -13.40 -23.21
CA PRO B 194 -19.73 -13.21 -23.88
C PRO B 194 -18.72 -12.54 -22.95
N LEU B 195 -17.44 -12.94 -23.08
CA LEU B 195 -16.39 -12.47 -22.19
C LEU B 195 -15.16 -12.09 -22.99
N HIS B 196 -14.86 -10.77 -23.01
CA HIS B 196 -13.70 -10.22 -23.71
C HIS B 196 -12.41 -10.64 -23.00
N GLY B 197 -11.34 -10.73 -23.79
CA GLY B 197 -10.03 -11.17 -23.31
C GLY B 197 -9.48 -10.29 -22.20
N LYS B 198 -9.83 -8.99 -22.22
CA LYS B 198 -9.36 -8.03 -21.24
C LYS B 198 -10.03 -8.27 -19.88
N ASP B 199 -11.08 -9.07 -19.90
CA ASP B 199 -11.88 -9.40 -18.70
C ASP B 199 -11.53 -10.81 -18.21
N PHE B 200 -10.53 -11.43 -18.81
CA PHE B 200 -10.08 -12.77 -18.36
C PHE B 200 -9.41 -12.61 -17.00
N VAL B 201 -9.24 -13.69 -16.27
CA VAL B 201 -8.67 -13.62 -14.89
C VAL B 201 -7.27 -13.02 -14.92
N ASP B 202 -6.90 -12.31 -13.84
CA ASP B 202 -5.66 -11.50 -13.76
C ASP B 202 -4.39 -12.31 -14.03
N PRO B 203 -4.20 -13.53 -13.50
CA PRO B 203 -2.97 -14.27 -13.80
C PRO B 203 -2.76 -14.45 -15.30
N ALA B 204 -3.85 -14.69 -16.04
CA ALA B 204 -3.91 -14.89 -17.50
C ALA B 204 -3.68 -13.59 -18.29
N GLN B 205 -3.72 -12.44 -17.64
CA GLN B 205 -3.51 -11.14 -18.34
C GLN B 205 -2.06 -10.98 -18.83
N ASP B 206 -1.12 -11.70 -18.23
CA ASP B 206 0.28 -11.64 -18.66
C ASP B 206 0.79 -13.07 -18.83
N ARG B 207 0.80 -13.53 -20.08
CA ARG B 207 1.13 -14.91 -20.42
C ARG B 207 2.63 -15.15 -20.25
N GLN B 208 3.39 -14.06 -20.04
CA GLN B 208 4.84 -14.13 -19.95
C GLN B 208 5.28 -14.35 -18.49
N ASP B 209 4.34 -14.22 -17.55
CA ASP B 209 4.66 -14.29 -16.13
C ASP B 209 4.47 -15.73 -15.63
N GLN B 210 5.27 -16.11 -14.64
CA GLN B 210 5.28 -17.45 -14.06
C GLN B 210 3.88 -17.80 -13.52
N ALA B 211 3.18 -16.80 -12.99
CA ALA B 211 1.88 -16.99 -12.36
C ALA B 211 0.91 -17.67 -13.31
N TYR B 212 0.93 -17.23 -14.59
CA TYR B 212 0.09 -17.80 -15.64
C TYR B 212 0.34 -19.30 -15.75
N HIS B 213 1.61 -19.68 -15.83
CA HIS B 213 1.99 -21.08 -16.05
C HIS B 213 1.62 -21.91 -14.82
N VAL B 214 1.65 -21.29 -13.64
CA VAL B 214 1.31 -21.98 -12.40
C VAL B 214 -0.19 -22.26 -12.38
N LEU B 215 -1.01 -21.27 -12.77
CA LEU B 215 -2.45 -21.44 -12.80
C LEU B 215 -2.81 -22.61 -13.73
N LEU B 216 -2.21 -22.61 -14.92
CA LEU B 216 -2.45 -23.62 -15.95
C LEU B 216 -2.11 -25.01 -15.41
N ASP B 217 -0.98 -25.11 -14.69
CA ASP B 217 -0.49 -26.38 -14.15
C ASP B 217 -1.52 -26.98 -13.19
N HIS B 218 -2.07 -26.12 -12.32
CA HIS B 218 -3.03 -26.57 -11.33
C HIS B 218 -4.37 -26.90 -11.98
N VAL B 219 -4.79 -26.06 -12.95
CA VAL B 219 -6.04 -26.24 -13.66
C VAL B 219 -6.06 -27.62 -14.33
N LYS B 220 -4.91 -28.00 -14.91
CA LYS B 220 -4.78 -29.26 -15.63
C LYS B 220 -4.90 -30.44 -14.67
N ARG B 221 -4.89 -30.17 -13.36
CA ARG B 221 -5.00 -31.23 -12.37
C ARG B 221 -6.37 -31.23 -11.72
N TYR B 222 -7.26 -30.30 -12.13
CA TYR B 222 -8.60 -30.30 -11.57
C TYR B 222 -9.30 -31.62 -11.86
N VAL B 223 -8.95 -32.24 -13.00
CA VAL B 223 -9.57 -33.47 -13.47
C VAL B 223 -9.29 -34.62 -12.51
N LEU B 224 -8.27 -34.47 -11.65
CA LEU B 224 -7.87 -35.52 -10.74
C LEU B 224 -8.72 -35.50 -9.46
N ALA B 225 -9.48 -34.43 -9.25
CA ALA B 225 -10.34 -34.32 -8.09
C ALA B 225 -11.50 -35.32 -8.21
N GLU B 226 -11.91 -35.89 -7.07
CA GLU B 226 -13.07 -36.75 -6.97
C GLU B 226 -14.34 -35.93 -7.23
N GLY B 227 -14.32 -34.67 -6.77
CA GLY B 227 -15.41 -33.73 -6.96
C GLY B 227 -14.96 -32.29 -6.72
N ILE B 228 -15.74 -31.34 -7.25
CA ILE B 228 -15.47 -29.92 -7.07
C ILE B 228 -16.71 -29.28 -6.44
N PHE B 229 -16.54 -28.79 -5.20
CA PHE B 229 -17.53 -27.95 -4.56
C PHE B 229 -17.34 -26.52 -5.05
N VAL B 230 -18.44 -25.88 -5.47
CA VAL B 230 -18.41 -24.49 -5.87
C VAL B 230 -19.34 -23.72 -4.94
N ASN B 231 -18.86 -22.56 -4.46
CA ASN B 231 -19.65 -21.70 -3.60
C ASN B 231 -20.62 -20.89 -4.46
N THR B 232 -21.64 -21.58 -4.98
CA THR B 232 -22.66 -21.00 -5.84
C THR B 232 -23.93 -21.84 -5.73
N PHE B 233 -24.98 -21.44 -6.47
CA PHE B 233 -26.20 -22.23 -6.56
C PHE B 233 -26.75 -22.17 -7.98
N VAL B 234 -27.68 -23.09 -8.29
CA VAL B 234 -28.10 -23.35 -9.66
C VAL B 234 -28.80 -22.12 -10.26
N ASP B 235 -29.74 -21.52 -9.52
CA ASP B 235 -30.51 -20.39 -10.03
C ASP B 235 -29.60 -19.20 -10.33
N LEU B 236 -28.42 -19.18 -9.71
CA LEU B 236 -27.50 -18.06 -9.82
C LEU B 236 -26.70 -18.17 -11.12
N GLU B 237 -26.39 -19.40 -11.53
CA GLU B 237 -25.54 -19.63 -12.69
C GLU B 237 -26.04 -20.84 -13.48
N PRO B 238 -27.31 -20.84 -13.96
CA PRO B 238 -27.91 -22.05 -14.55
C PRO B 238 -27.09 -22.51 -15.74
N GLY B 239 -26.64 -21.55 -16.56
CA GLY B 239 -25.91 -21.82 -17.79
C GLY B 239 -24.57 -22.50 -17.51
N ALA B 240 -23.72 -21.83 -16.72
CA ALA B 240 -22.37 -22.29 -16.42
C ALA B 240 -22.40 -23.67 -15.78
N ILE B 241 -23.32 -23.86 -14.82
CA ILE B 241 -23.40 -25.10 -14.07
C ILE B 241 -23.80 -26.25 -15.00
N LYS B 242 -24.80 -25.99 -15.86
CA LYS B 242 -25.27 -26.98 -16.83
C LYS B 242 -24.12 -27.44 -17.72
N THR B 243 -23.36 -26.48 -18.25
CA THR B 243 -22.22 -26.77 -19.10
C THR B 243 -21.18 -27.60 -18.35
N LEU B 244 -20.89 -27.20 -17.10
CA LEU B 244 -19.90 -27.89 -16.29
C LEU B 244 -20.33 -29.33 -16.06
N GLN B 245 -21.63 -29.54 -15.91
CA GLN B 245 -22.18 -30.83 -15.52
C GLN B 245 -22.39 -31.74 -16.73
N THR B 246 -22.51 -31.18 -17.95
CA THR B 246 -22.80 -32.07 -19.13
C THR B 246 -21.94 -31.84 -20.39
N GLU B 247 -21.12 -30.80 -20.50
CA GLU B 247 -20.37 -30.54 -21.73
C GLU B 247 -19.24 -31.55 -21.95
N ASP B 248 -18.43 -31.78 -20.91
CA ASP B 248 -17.19 -32.53 -21.05
C ASP B 248 -17.14 -33.62 -19.96
N PRO B 249 -17.09 -34.91 -20.34
CA PRO B 249 -17.01 -36.01 -19.37
C PRO B 249 -15.74 -36.06 -18.52
N ASN B 250 -14.69 -35.32 -18.95
CA ASN B 250 -13.41 -35.27 -18.27
C ASN B 250 -13.57 -34.56 -16.92
N VAL B 251 -14.36 -33.47 -16.91
CA VAL B 251 -14.59 -32.63 -15.75
C VAL B 251 -15.19 -33.49 -14.64
N PRO B 252 -14.65 -33.42 -13.40
CA PRO B 252 -15.22 -34.15 -12.26
C PRO B 252 -16.64 -33.69 -11.96
N PRO B 253 -17.41 -34.43 -11.13
CA PRO B 253 -18.70 -33.93 -10.64
C PRO B 253 -18.54 -32.54 -10.02
N VAL B 254 -19.46 -31.64 -10.36
CA VAL B 254 -19.44 -30.28 -9.86
C VAL B 254 -20.64 -30.10 -8.95
N TYR B 255 -20.38 -29.70 -7.70
CA TYR B 255 -21.40 -29.61 -6.67
C TYR B 255 -21.59 -28.17 -6.24
N PRO B 256 -22.65 -27.47 -6.72
CA PRO B 256 -22.99 -26.13 -6.21
C PRO B 256 -23.62 -26.28 -4.82
N VAL B 257 -22.96 -25.71 -3.81
CA VAL B 257 -23.36 -25.94 -2.43
C VAL B 257 -23.50 -24.63 -1.67
N GLY B 258 -23.57 -23.52 -2.41
CA GLY B 258 -23.59 -22.19 -1.83
C GLY B 258 -25.00 -21.61 -1.76
N PRO B 259 -25.17 -20.34 -1.30
CA PRO B 259 -24.07 -19.53 -0.79
C PRO B 259 -23.59 -19.92 0.59
N ILE B 260 -22.26 -20.01 0.74
CA ILE B 260 -21.63 -20.12 2.05
C ILE B 260 -20.94 -18.80 2.35
N ILE B 261 -21.43 -18.11 3.38
CA ILE B 261 -20.97 -16.78 3.75
C ILE B 261 -20.80 -16.75 5.27
N GLN B 262 -20.01 -15.80 5.77
CA GLN B 262 -19.83 -15.62 7.21
C GLN B 262 -21.14 -15.12 7.82
N SER B 263 -21.38 -15.45 9.09
CA SER B 263 -22.72 -15.35 9.66
C SER B 263 -23.08 -13.91 9.98
N GLY B 264 -22.14 -13.17 10.58
CA GLY B 264 -22.34 -11.77 10.92
C GLY B 264 -21.67 -11.39 12.22
N SER B 272 -20.44 -0.23 13.57
CA SER B 272 -21.00 -0.32 14.94
C SER B 272 -21.55 1.05 15.33
N ASP B 273 -20.89 2.09 14.80
CA ASP B 273 -21.35 3.50 14.89
C ASP B 273 -22.18 3.77 13.64
N CYS B 274 -21.81 3.17 12.51
CA CYS B 274 -22.53 3.37 11.22
C CYS B 274 -23.89 2.69 11.20
N LEU B 275 -24.10 1.65 12.01
CA LEU B 275 -25.43 1.03 12.02
C LEU B 275 -26.43 2.06 12.57
N LYS B 276 -26.05 2.76 13.63
CA LYS B 276 -26.94 3.77 14.22
C LYS B 276 -27.27 4.82 13.17
N TRP B 277 -26.28 5.25 12.40
CA TRP B 277 -26.53 6.26 11.34
C TRP B 277 -27.52 5.69 10.31
N LEU B 278 -27.39 4.41 9.96
CA LEU B 278 -28.31 3.75 9.01
C LEU B 278 -29.71 3.70 9.64
N ASP B 279 -29.78 3.44 10.94
CA ASP B 279 -31.07 3.35 11.62
C ASP B 279 -31.89 4.62 11.39
N ARG B 280 -31.20 5.76 11.19
CA ARG B 280 -31.86 7.06 11.09
C ARG B 280 -32.28 7.36 9.66
N GLN B 281 -31.87 6.50 8.70
CA GLN B 281 -32.16 6.76 7.30
C GLN B 281 -33.40 5.98 6.89
N PRO B 282 -34.15 6.42 5.84
CA PRO B 282 -35.29 5.66 5.31
C PRO B 282 -34.88 4.31 4.74
N SER B 283 -35.87 3.42 4.56
CA SER B 283 -35.62 2.08 4.05
C SER B 283 -35.20 2.14 2.58
N GLY B 284 -34.12 1.42 2.26
CA GLY B 284 -33.64 1.23 0.90
C GLY B 284 -33.04 2.49 0.27
N SER B 285 -32.50 3.39 1.11
CA SER B 285 -32.15 4.73 0.64
C SER B 285 -30.64 4.97 0.60
N VAL B 286 -29.84 4.05 1.16
CA VAL B 286 -28.42 4.29 1.35
C VAL B 286 -27.59 3.45 0.36
N LEU B 287 -26.73 4.12 -0.40
CA LEU B 287 -25.71 3.44 -1.18
C LEU B 287 -24.49 3.19 -0.30
N PHE B 288 -24.21 1.90 -0.05
CA PHE B 288 -23.00 1.47 0.64
C PHE B 288 -21.87 1.39 -0.38
N VAL B 289 -20.79 2.12 -0.11
CA VAL B 289 -19.63 2.17 -0.99
C VAL B 289 -18.44 1.59 -0.23
N SER B 290 -17.94 0.45 -0.70
CA SER B 290 -16.82 -0.19 -0.04
C SER B 290 -16.08 -1.11 -1.00
N PHE B 291 -14.78 -0.84 -1.18
CA PHE B 291 -13.84 -1.78 -1.74
C PHE B 291 -13.33 -2.66 -0.60
N GLY B 292 -13.87 -2.45 0.61
CA GLY B 292 -13.47 -3.28 1.77
C GLY B 292 -11.97 -3.19 2.01
N SER B 293 -11.31 -4.35 2.11
CA SER B 293 -9.85 -4.43 2.35
C SER B 293 -9.14 -4.90 1.08
N GLY B 294 -8.01 -4.30 0.75
CA GLY B 294 -7.22 -4.66 -0.45
C GLY B 294 -7.63 -3.85 -1.67
N GLY B 295 -8.59 -2.93 -1.52
CA GLY B 295 -9.02 -2.07 -2.64
C GLY B 295 -8.23 -0.77 -2.67
N THR B 296 -7.75 -0.34 -3.83
CA THR B 296 -7.02 0.95 -3.91
C THR B 296 -7.42 1.74 -5.16
N LEU B 297 -7.62 3.06 -5.04
CA LEU B 297 -7.92 3.89 -6.23
C LEU B 297 -6.93 5.06 -6.21
N SER B 298 -6.71 5.67 -7.37
CA SER B 298 -5.81 6.84 -7.45
C SER B 298 -6.47 8.05 -6.82
N ASN B 299 -5.65 8.99 -6.38
CA ASN B 299 -6.15 10.22 -5.81
C ASN B 299 -7.17 10.87 -6.74
N GLU B 300 -6.84 10.91 -8.03
CA GLU B 300 -7.68 11.49 -9.07
C GLU B 300 -9.05 10.81 -9.07
N GLN B 301 -9.05 9.48 -8.96
CA GLN B 301 -10.26 8.67 -9.06
C GLN B 301 -11.07 8.79 -7.78
N LEU B 302 -10.37 8.88 -6.64
CA LEU B 302 -11.00 9.04 -5.33
C LEU B 302 -11.75 10.38 -5.30
N ASN B 303 -11.21 11.38 -6.01
CA ASN B 303 -11.76 12.72 -6.02
C ASN B 303 -13.02 12.76 -6.88
N GLU B 304 -12.99 12.04 -8.01
CA GLU B 304 -14.15 11.95 -8.88
C GLU B 304 -15.28 11.24 -8.14
N LEU B 305 -14.91 10.24 -7.33
CA LEU B 305 -15.87 9.46 -6.58
C LEU B 305 -16.53 10.33 -5.51
N ALA B 306 -15.71 11.09 -4.78
CA ALA B 306 -16.22 11.96 -3.72
C ALA B 306 -17.22 12.97 -4.28
N ILE B 307 -16.85 13.62 -5.39
CA ILE B 307 -17.69 14.64 -6.00
C ILE B 307 -18.93 14.00 -6.62
N GLY B 308 -18.75 12.82 -7.23
CA GLY B 308 -19.84 12.09 -7.84
C GLY B 308 -20.88 11.66 -6.81
N LEU B 309 -20.41 11.22 -5.65
CA LEU B 309 -21.30 10.84 -4.56
C LEU B 309 -22.09 12.07 -4.11
N GLU B 310 -21.39 13.21 -3.97
CA GLU B 310 -21.99 14.45 -3.52
C GLU B 310 -23.08 14.90 -4.49
N ILE B 311 -22.76 14.93 -5.79
CA ILE B 311 -23.63 15.47 -6.83
C ILE B 311 -24.89 14.62 -6.97
N SER B 312 -24.77 13.31 -6.66
CA SER B 312 -25.87 12.38 -6.84
C SER B 312 -27.06 12.81 -5.99
N GLY B 313 -26.77 13.41 -4.82
CA GLY B 313 -27.80 13.89 -3.92
C GLY B 313 -28.37 12.76 -3.05
N HIS B 314 -27.85 11.53 -3.26
CA HIS B 314 -28.35 10.37 -2.54
C HIS B 314 -27.56 10.17 -1.25
N ARG B 315 -28.12 9.36 -0.35
CA ARG B 315 -27.46 9.02 0.91
C ARG B 315 -26.43 7.92 0.67
N PHE B 316 -25.32 7.99 1.42
CA PHE B 316 -24.24 7.04 1.19
C PHE B 316 -23.44 6.81 2.48
N LEU B 317 -23.03 5.55 2.64
CA LEU B 317 -22.03 5.14 3.62
C LEU B 317 -20.79 4.71 2.84
N TRP B 318 -19.69 5.44 3.04
CA TRP B 318 -18.49 5.23 2.25
C TRP B 318 -17.32 4.87 3.16
N VAL B 319 -16.84 3.63 3.02
CA VAL B 319 -15.65 3.16 3.70
C VAL B 319 -14.44 3.68 2.91
N VAL B 320 -13.73 4.65 3.48
CA VAL B 320 -12.67 5.33 2.76
C VAL B 320 -11.32 4.79 3.21
N ARG B 321 -10.48 4.36 2.26
CA ARG B 321 -9.12 3.97 2.60
C ARG B 321 -8.18 5.07 2.10
N SER B 322 -7.47 5.71 3.03
CA SER B 322 -6.50 6.73 2.67
C SER B 322 -5.41 6.12 1.79
N PRO B 323 -5.13 6.69 0.59
CA PRO B 323 -4.10 6.14 -0.29
C PRO B 323 -2.74 6.50 0.28
N ASN B 324 -1.80 5.53 0.20
CA ASN B 324 -0.45 5.76 0.64
C ASN B 324 0.23 6.77 -0.28
N ASP B 325 0.71 7.87 0.31
CA ASP B 325 1.40 8.92 -0.41
C ASP B 325 2.54 8.30 -1.21
N HIS B 326 2.54 8.55 -2.52
CA HIS B 326 3.62 8.08 -3.38
C HIS B 326 4.84 9.01 -3.22
N SER B 327 5.94 8.44 -2.73
CA SER B 327 7.09 9.22 -2.31
C SER B 327 8.15 9.28 -3.40
N SER B 328 8.46 10.52 -3.82
CA SER B 328 9.39 10.84 -4.88
C SER B 328 10.64 11.51 -4.30
N PHE B 329 11.69 11.62 -5.13
CA PHE B 329 12.94 12.25 -4.74
C PHE B 329 12.69 13.70 -4.34
N GLY B 330 13.11 14.06 -3.12
CA GLY B 330 13.04 15.42 -2.61
C GLY B 330 11.79 15.69 -1.78
N SER B 331 10.97 14.65 -1.54
CA SER B 331 9.72 14.82 -0.83
C SER B 331 9.86 14.34 0.62
N PHE B 332 9.35 15.17 1.56
CA PHE B 332 9.47 14.92 2.99
C PHE B 332 8.15 15.26 3.67
N PHE B 333 7.50 14.23 4.24
CA PHE B 333 6.19 14.37 4.86
C PHE B 333 6.34 14.68 6.35
N SER B 334 5.20 14.89 7.02
CA SER B 334 5.14 15.22 8.43
C SER B 334 4.98 13.95 9.27
N ASP B 339 -2.10 13.71 8.85
CA ASP B 339 -2.44 12.43 9.54
C ASP B 339 -3.95 12.28 9.65
N ASP B 340 -4.66 13.30 9.16
CA ASP B 340 -6.11 13.32 9.11
C ASP B 340 -6.56 12.23 8.13
N PRO B 341 -7.37 11.24 8.58
CA PRO B 341 -7.85 10.16 7.71
C PRO B 341 -8.67 10.64 6.52
N PHE B 342 -9.21 11.86 6.62
CA PHE B 342 -9.99 12.45 5.54
C PHE B 342 -9.21 13.56 4.83
N GLY B 343 -7.93 13.69 5.17
CA GLY B 343 -7.10 14.80 4.73
C GLY B 343 -6.91 14.84 3.21
N PHE B 344 -7.03 13.68 2.56
CA PHE B 344 -6.75 13.53 1.15
C PHE B 344 -7.97 13.95 0.31
N LEU B 345 -9.13 14.09 0.96
CA LEU B 345 -10.38 14.41 0.27
C LEU B 345 -10.42 15.89 -0.09
N PRO B 346 -11.28 16.30 -1.05
CA PRO B 346 -11.37 17.70 -1.46
C PRO B 346 -11.77 18.62 -0.32
N THR B 347 -11.26 19.85 -0.34
CA THR B 347 -11.57 20.86 0.68
C THR B 347 -13.07 21.05 0.77
N GLY B 348 -13.58 21.05 2.01
CA GLY B 348 -14.97 21.35 2.30
C GLY B 348 -15.92 20.17 2.07
N PHE B 349 -15.40 19.07 1.52
CA PHE B 349 -16.25 17.96 1.08
C PHE B 349 -17.01 17.39 2.27
N VAL B 350 -16.27 17.10 3.34
CA VAL B 350 -16.82 16.51 4.55
C VAL B 350 -17.98 17.35 5.09
N ASP B 351 -17.79 18.67 5.13
CA ASP B 351 -18.77 19.58 5.70
C ASP B 351 -20.03 19.59 4.84
N ARG B 352 -19.85 19.49 3.51
CA ARG B 352 -20.93 19.68 2.56
C ARG B 352 -21.91 18.49 2.58
N ILE B 353 -21.43 17.30 2.96
CA ILE B 353 -22.23 16.09 2.79
C ILE B 353 -22.74 15.59 4.13
N LYS B 354 -22.48 16.31 5.22
CA LYS B 354 -22.79 15.78 6.56
C LYS B 354 -24.28 15.45 6.69
N ASP B 355 -25.14 16.18 5.99
CA ASP B 355 -26.58 15.87 6.08
C ASP B 355 -26.91 14.48 5.53
N ARG B 356 -26.31 14.05 4.40
CA ARG B 356 -26.72 12.78 3.77
C ARG B 356 -25.59 11.75 3.64
N GLY B 357 -24.38 12.04 4.11
CA GLY B 357 -23.34 11.03 3.89
C GLY B 357 -22.52 10.74 5.12
N LEU B 358 -22.14 9.50 5.33
CA LEU B 358 -21.29 9.16 6.48
C LEU B 358 -19.99 8.60 5.90
N LEU B 359 -18.85 9.15 6.30
CA LEU B 359 -17.57 8.61 5.81
C LEU B 359 -17.06 7.73 6.93
N VAL B 360 -16.66 6.52 6.61
CA VAL B 360 -16.16 5.60 7.66
C VAL B 360 -14.75 5.23 7.25
N PRO B 361 -13.74 5.47 8.10
CA PRO B 361 -12.39 5.15 7.72
C PRO B 361 -12.07 3.67 7.93
N SER B 362 -11.40 3.08 6.96
CA SER B 362 -10.84 1.71 7.00
C SER B 362 -11.87 0.58 6.96
N TRP B 363 -12.80 0.51 7.91
CA TRP B 363 -13.68 -0.69 7.94
C TRP B 363 -15.11 -0.40 8.40
N ALA B 364 -16.06 -1.13 7.82
CA ALA B 364 -17.48 -1.15 8.20
C ALA B 364 -17.87 -2.63 8.36
N PRO B 365 -18.80 -3.01 9.25
CA PRO B 365 -19.20 -4.41 9.34
C PRO B 365 -20.14 -4.61 8.15
N GLN B 366 -19.58 -5.19 7.09
CA GLN B 366 -20.23 -5.34 5.78
C GLN B 366 -21.51 -6.17 5.78
N ILE B 367 -21.53 -7.33 6.43
CA ILE B 367 -22.78 -8.15 6.42
C ILE B 367 -23.90 -7.39 7.14
N LYS B 368 -23.57 -6.73 8.24
CA LYS B 368 -24.59 -5.99 9.00
C LYS B 368 -25.11 -4.81 8.19
N VAL B 369 -24.23 -4.19 7.40
CA VAL B 369 -24.62 -3.08 6.55
C VAL B 369 -25.52 -3.61 5.43
N LEU B 370 -25.11 -4.72 4.81
CA LEU B 370 -25.81 -5.26 3.66
C LEU B 370 -27.18 -5.82 4.07
N SER B 371 -27.33 -6.19 5.34
CA SER B 371 -28.59 -6.77 5.83
C SER B 371 -29.49 -5.69 6.44
N HIS B 372 -28.96 -4.48 6.63
CA HIS B 372 -29.73 -3.38 7.19
C HIS B 372 -30.76 -2.89 6.17
N GLY B 373 -31.99 -2.64 6.63
CA GLY B 373 -33.11 -2.27 5.77
C GLY B 373 -32.95 -0.92 5.08
N SER B 374 -32.02 -0.10 5.58
CA SER B 374 -31.79 1.24 5.03
C SER B 374 -30.89 1.16 3.80
N THR B 375 -30.11 0.08 3.67
CA THR B 375 -29.19 -0.10 2.56
C THR B 375 -29.96 -0.46 1.29
N GLY B 376 -29.76 0.34 0.25
CA GLY B 376 -30.49 0.14 -0.99
C GLY B 376 -29.57 -0.18 -2.17
N GLY B 377 -28.26 -0.15 -1.94
CA GLY B 377 -27.29 -0.37 -3.00
C GLY B 377 -25.89 -0.61 -2.44
N PHE B 378 -25.05 -1.24 -3.27
CA PHE B 378 -23.68 -1.57 -2.90
C PHE B 378 -22.77 -1.33 -4.09
N LEU B 379 -21.92 -0.30 -3.98
CA LEU B 379 -20.84 -0.08 -4.93
C LEU B 379 -19.64 -0.92 -4.47
N THR B 380 -19.30 -1.93 -5.28
CA THR B 380 -18.43 -3.01 -4.87
C THR B 380 -17.41 -3.32 -5.97
N HIS B 381 -16.31 -3.99 -5.58
CA HIS B 381 -15.30 -4.42 -6.55
C HIS B 381 -15.65 -5.79 -7.11
N CYS B 382 -16.72 -6.42 -6.62
CA CYS B 382 -17.27 -7.66 -7.16
C CYS B 382 -16.42 -8.88 -6.78
N GLY B 383 -15.68 -8.78 -5.68
CA GLY B 383 -15.15 -10.00 -5.06
C GLY B 383 -16.32 -10.93 -4.73
N TRP B 384 -16.10 -12.23 -4.90
CA TRP B 384 -17.19 -13.20 -4.87
C TRP B 384 -17.82 -13.28 -3.49
N ASN B 385 -16.99 -13.17 -2.45
CA ASN B 385 -17.46 -13.17 -1.07
C ASN B 385 -18.43 -12.01 -0.85
N SER B 386 -18.02 -10.82 -1.28
CA SER B 386 -18.82 -9.61 -1.16
C SER B 386 -20.11 -9.74 -1.96
N THR B 387 -19.99 -10.27 -3.19
CA THR B 387 -21.12 -10.44 -4.08
C THR B 387 -22.17 -11.36 -3.44
N LEU B 388 -21.70 -12.49 -2.90
CA LEU B 388 -22.57 -13.49 -2.30
C LEU B 388 -23.31 -12.88 -1.10
N GLU B 389 -22.61 -12.07 -0.30
CA GLU B 389 -23.22 -11.41 0.85
C GLU B 389 -24.32 -10.48 0.37
N SER B 390 -24.09 -9.81 -0.76
CA SER B 390 -25.02 -8.86 -1.33
C SER B 390 -26.24 -9.62 -1.87
N ILE B 391 -26.00 -10.75 -2.55
CA ILE B 391 -27.05 -11.57 -3.13
C ILE B 391 -27.98 -12.08 -2.02
N VAL B 392 -27.41 -12.58 -0.92
CA VAL B 392 -28.20 -13.16 0.16
C VAL B 392 -29.09 -12.08 0.77
N ASN B 393 -28.68 -10.80 0.66
CA ASN B 393 -29.37 -9.73 1.35
C ASN B 393 -30.22 -8.91 0.38
N GLY B 394 -30.16 -9.27 -0.91
CA GLY B 394 -31.03 -8.67 -1.91
C GLY B 394 -30.64 -7.23 -2.28
N VAL B 395 -29.37 -6.89 -2.05
CA VAL B 395 -28.88 -5.54 -2.33
C VAL B 395 -28.31 -5.51 -3.75
N PRO B 396 -28.86 -4.65 -4.65
CA PRO B 396 -28.34 -4.53 -6.02
C PRO B 396 -27.03 -3.77 -6.03
N LEU B 397 -26.30 -3.85 -7.15
CA LEU B 397 -24.90 -3.43 -7.17
C LEU B 397 -24.63 -2.33 -8.20
N ILE B 398 -23.61 -1.52 -7.89
CA ILE B 398 -22.80 -0.87 -8.91
C ILE B 398 -21.45 -1.58 -8.91
N VAL B 399 -21.06 -2.14 -10.07
CA VAL B 399 -19.88 -2.95 -10.16
C VAL B 399 -18.69 -2.07 -10.53
N TRP B 400 -17.58 -2.25 -9.80
CA TRP B 400 -16.35 -1.51 -9.98
C TRP B 400 -15.17 -2.46 -9.79
N PRO B 401 -14.91 -3.38 -10.75
CA PRO B 401 -13.91 -4.43 -10.57
C PRO B 401 -12.48 -3.90 -10.58
N LEU B 402 -11.59 -4.55 -9.80
CA LEU B 402 -10.17 -4.08 -9.71
C LEU B 402 -9.14 -5.17 -10.02
N TYR B 403 -9.21 -6.32 -9.31
CA TYR B 403 -8.20 -7.39 -9.48
C TYR B 403 -8.81 -8.80 -9.45
N ALA B 404 -7.93 -9.79 -9.57
CA ALA B 404 -8.37 -11.20 -9.58
C ALA B 404 -9.32 -11.44 -10.76
N GLU B 405 -10.50 -11.99 -10.47
CA GLU B 405 -11.48 -12.36 -11.48
C GLU B 405 -12.69 -11.41 -11.43
N GLN B 406 -12.47 -10.20 -10.91
CA GLN B 406 -13.54 -9.26 -10.61
C GLN B 406 -14.20 -8.74 -11.88
N ARG B 407 -13.41 -8.51 -12.94
CA ARG B 407 -13.95 -7.97 -14.19
C ARG B 407 -14.90 -8.98 -14.82
N MET B 408 -14.58 -10.27 -14.68
CA MET B 408 -15.43 -11.34 -15.19
C MET B 408 -16.72 -11.41 -14.37
N ASN B 409 -16.63 -11.24 -13.05
CA ASN B 409 -17.79 -11.25 -12.18
C ASN B 409 -18.70 -10.08 -12.52
N ALA B 410 -18.08 -8.92 -12.80
CA ALA B 410 -18.81 -7.69 -13.09
C ALA B 410 -19.64 -7.86 -14.36
N VAL B 411 -19.04 -8.48 -15.39
CA VAL B 411 -19.73 -8.69 -16.66
C VAL B 411 -20.89 -9.66 -16.43
N MET B 412 -20.68 -10.65 -15.55
CA MET B 412 -21.67 -11.67 -15.28
C MET B 412 -22.87 -11.08 -14.55
N LEU B 413 -22.60 -10.20 -13.57
CA LEU B 413 -23.65 -9.62 -12.74
C LEU B 413 -24.40 -8.53 -13.49
N ASN B 414 -23.70 -7.84 -14.39
CA ASN B 414 -24.25 -6.67 -15.08
C ASN B 414 -25.00 -7.12 -16.33
N GLN B 415 -24.30 -7.81 -17.24
CA GLN B 415 -24.84 -8.22 -18.52
C GLN B 415 -25.71 -9.47 -18.35
N GLY B 416 -25.23 -10.42 -17.52
CA GLY B 416 -25.84 -11.74 -17.42
C GLY B 416 -27.08 -11.75 -16.56
N LEU B 417 -26.94 -11.34 -15.29
CA LEU B 417 -27.99 -11.49 -14.30
C LEU B 417 -28.80 -10.20 -14.17
N LYS B 418 -28.22 -9.08 -14.62
CA LYS B 418 -28.85 -7.77 -14.62
C LYS B 418 -29.22 -7.36 -13.20
N VAL B 419 -28.31 -7.60 -12.25
CA VAL B 419 -28.55 -7.21 -10.86
C VAL B 419 -27.57 -6.10 -10.49
N ALA B 420 -26.86 -5.58 -11.48
CA ALA B 420 -25.78 -4.63 -11.25
C ALA B 420 -25.78 -3.58 -12.35
N LEU B 421 -25.48 -2.34 -11.97
CA LEU B 421 -25.20 -1.30 -12.94
C LEU B 421 -23.69 -1.08 -13.01
N ARG B 422 -23.21 -0.49 -14.12
CA ARG B 422 -21.78 -0.23 -14.24
C ARG B 422 -21.53 1.10 -14.94
N PRO B 423 -20.72 1.99 -14.33
CA PRO B 423 -20.40 3.28 -14.92
C PRO B 423 -19.41 3.13 -16.08
N ASN B 424 -19.59 3.99 -17.06
CA ASN B 424 -18.69 4.03 -18.24
C ASN B 424 -17.46 4.78 -17.79
N ALA B 425 -16.31 4.25 -18.11
CA ALA B 425 -15.05 4.95 -17.78
C ALA B 425 -14.62 5.76 -19.00
N SER B 426 -13.61 6.60 -18.78
CA SER B 426 -12.97 7.41 -19.85
C SER B 426 -11.96 6.54 -20.58
N GLN B 427 -11.44 6.98 -21.73
CA GLN B 427 -10.48 6.14 -22.50
C GLN B 427 -9.30 5.82 -21.59
N ARG B 428 -8.85 6.82 -20.84
CA ARG B 428 -7.76 6.68 -19.83
C ARG B 428 -8.16 5.70 -18.70
N GLY B 429 -9.46 5.47 -18.48
CA GLY B 429 -9.90 4.53 -17.44
C GLY B 429 -10.46 5.24 -16.22
N LEU B 430 -10.52 6.56 -16.25
CA LEU B 430 -11.06 7.29 -15.09
C LEU B 430 -12.59 7.31 -15.15
N VAL B 431 -13.25 7.14 -14.02
CA VAL B 431 -14.73 7.26 -14.06
C VAL B 431 -15.04 8.66 -13.52
N GLU B 432 -15.58 9.52 -14.37
CA GLU B 432 -15.78 10.91 -14.00
C GLU B 432 -17.00 11.08 -13.09
N ALA B 433 -17.00 12.18 -12.34
CA ALA B 433 -17.95 12.46 -11.27
C ALA B 433 -19.37 12.43 -11.81
N ASP B 434 -19.58 13.00 -13.00
CA ASP B 434 -20.90 13.10 -13.61
C ASP B 434 -21.44 11.72 -13.97
N GLU B 435 -20.53 10.81 -14.32
CA GLU B 435 -20.91 9.44 -14.67
C GLU B 435 -21.28 8.68 -13.40
N ILE B 436 -20.49 8.89 -12.33
CA ILE B 436 -20.73 8.25 -11.05
C ILE B 436 -22.10 8.68 -10.53
N ALA B 437 -22.37 9.99 -10.59
CA ALA B 437 -23.64 10.56 -10.16
C ALA B 437 -24.79 9.92 -10.94
N ARG B 438 -24.63 9.81 -12.26
CA ARG B 438 -25.66 9.25 -13.13
C ARG B 438 -26.00 7.83 -12.69
N VAL B 439 -24.97 7.02 -12.42
CA VAL B 439 -25.18 5.62 -12.12
C VAL B 439 -25.73 5.45 -10.70
N VAL B 440 -25.33 6.34 -9.77
CA VAL B 440 -25.85 6.30 -8.43
C VAL B 440 -27.35 6.59 -8.45
N LYS B 441 -27.76 7.59 -9.23
CA LYS B 441 -29.16 7.98 -9.36
C LYS B 441 -29.96 6.85 -10.02
N GLU B 442 -29.37 6.26 -11.07
CA GLU B 442 -30.03 5.19 -11.80
C GLU B 442 -30.32 4.02 -10.86
N LEU B 443 -29.35 3.67 -10.01
CA LEU B 443 -29.52 2.55 -9.10
C LEU B 443 -30.53 2.91 -8.01
N MET B 444 -30.28 4.02 -7.33
CA MET B 444 -31.10 4.41 -6.17
C MET B 444 -32.54 4.82 -6.50
N ASP B 445 -32.76 5.57 -7.58
CA ASP B 445 -34.15 6.00 -7.88
C ASP B 445 -34.56 5.70 -9.33
N GLY B 446 -33.65 5.23 -10.18
CA GLY B 446 -33.91 4.97 -11.61
C GLY B 446 -34.67 3.69 -11.92
N ASP B 447 -35.12 3.54 -13.16
CA ASP B 447 -35.88 2.37 -13.59
C ASP B 447 -34.98 1.14 -13.66
N GLU B 448 -33.74 1.36 -14.15
CA GLU B 448 -32.78 0.26 -14.25
C GLU B 448 -32.43 -0.26 -12.86
N GLY B 449 -32.37 0.66 -11.88
CA GLY B 449 -32.11 0.30 -10.50
C GLY B 449 -33.26 -0.50 -9.88
N LYS B 450 -34.48 -0.17 -10.30
CA LYS B 450 -35.69 -0.86 -9.89
C LYS B 450 -35.65 -2.30 -10.42
N LYS B 451 -35.29 -2.43 -11.70
CA LYS B 451 -35.21 -3.73 -12.37
C LYS B 451 -34.15 -4.59 -11.70
N ALA B 452 -32.96 -4.01 -11.50
CA ALA B 452 -31.85 -4.70 -10.85
C ALA B 452 -32.23 -5.12 -9.44
N ARG B 453 -32.95 -4.24 -8.73
CA ARG B 453 -33.34 -4.49 -7.35
C ARG B 453 -34.29 -5.69 -7.27
N TYR B 454 -35.23 -5.78 -8.20
CA TYR B 454 -36.22 -6.83 -8.16
C TYR B 454 -35.59 -8.18 -8.49
N LYS B 455 -34.66 -8.18 -9.47
CA LYS B 455 -33.96 -9.40 -9.85
C LYS B 455 -33.10 -9.88 -8.68
N MET B 456 -32.47 -8.94 -7.97
CA MET B 456 -31.58 -9.28 -6.86
C MET B 456 -32.39 -9.87 -5.70
N ARG B 457 -33.62 -9.35 -5.50
CA ARG B 457 -34.50 -9.87 -4.46
C ARG B 457 -34.95 -11.29 -4.80
N GLU B 458 -35.18 -11.56 -6.10
CA GLU B 458 -35.49 -12.90 -6.57
C GLU B 458 -34.37 -13.87 -6.20
N LEU B 459 -33.12 -13.47 -6.51
CA LEU B 459 -31.95 -14.28 -6.22
C LEU B 459 -31.79 -14.46 -4.71
N SER B 460 -32.11 -13.41 -3.94
CA SER B 460 -32.06 -13.46 -2.49
C SER B 460 -33.00 -14.52 -1.95
N ASP B 461 -34.18 -14.63 -2.57
CA ASP B 461 -35.18 -15.61 -2.18
C ASP B 461 -34.66 -17.02 -2.48
N SER B 462 -34.15 -17.21 -3.70
CA SER B 462 -33.59 -18.49 -4.11
C SER B 462 -32.45 -18.91 -3.18
N ALA B 463 -31.56 -17.96 -2.86
CA ALA B 463 -30.42 -18.22 -2.00
C ALA B 463 -30.87 -18.76 -0.65
N LYS B 464 -31.93 -18.17 -0.10
CA LYS B 464 -32.46 -18.59 1.19
C LYS B 464 -33.08 -19.99 1.08
N ARG B 465 -33.71 -20.27 -0.06
CA ARG B 465 -34.37 -21.55 -0.30
C ARG B 465 -33.35 -22.68 -0.38
N VAL B 466 -32.28 -22.46 -1.17
CA VAL B 466 -31.36 -23.54 -1.52
C VAL B 466 -30.51 -23.93 -0.32
N THR B 467 -30.38 -23.04 0.67
CA THR B 467 -29.54 -23.32 1.82
C THR B 467 -30.38 -23.69 3.04
N SER B 468 -31.71 -23.78 2.87
CA SER B 468 -32.57 -24.18 3.96
C SER B 468 -32.40 -25.68 4.26
N GLU B 469 -33.08 -26.18 5.29
CA GLU B 469 -32.86 -27.52 5.81
C GLU B 469 -33.01 -28.56 4.71
N ASN B 470 -33.96 -28.37 3.79
CA ASN B 470 -34.15 -29.32 2.71
C ASN B 470 -33.91 -28.65 1.35
N GLY B 471 -33.16 -27.55 1.37
CA GLY B 471 -32.82 -26.82 0.16
C GLY B 471 -31.92 -27.62 -0.78
N GLU B 472 -31.87 -27.21 -2.04
CA GLU B 472 -31.12 -27.88 -3.10
C GLU B 472 -29.62 -27.97 -2.78
N SER B 473 -29.05 -26.88 -2.28
CA SER B 473 -27.63 -26.83 -1.95
C SER B 473 -27.34 -27.72 -0.75
N THR B 474 -28.19 -27.61 0.29
CA THR B 474 -28.08 -28.42 1.50
C THR B 474 -28.14 -29.90 1.15
N LYS B 475 -29.10 -30.29 0.31
CA LYS B 475 -29.35 -31.68 -0.04
C LYS B 475 -28.17 -32.27 -0.81
N LEU B 476 -27.62 -31.50 -1.76
CA LEU B 476 -26.50 -31.98 -2.56
C LEU B 476 -25.28 -32.23 -1.68
N LEU B 477 -24.95 -31.28 -0.81
CA LEU B 477 -23.80 -31.42 0.08
C LEU B 477 -24.01 -32.63 0.98
N SER B 478 -25.24 -32.80 1.46
CA SER B 478 -25.63 -33.90 2.33
C SER B 478 -25.47 -35.25 1.61
N GLU B 479 -25.75 -35.26 0.31
CA GLU B 479 -25.67 -36.45 -0.52
C GLU B 479 -24.21 -36.87 -0.67
N VAL B 480 -23.31 -35.88 -0.83
CA VAL B 480 -21.89 -36.14 -0.99
C VAL B 480 -21.32 -36.57 0.37
N ALA B 481 -21.75 -35.91 1.44
CA ALA B 481 -21.28 -36.19 2.78
C ALA B 481 -21.64 -37.62 3.19
N SER B 482 -22.81 -38.10 2.73
CA SER B 482 -23.33 -39.40 3.14
C SER B 482 -22.42 -40.53 2.67
N LYS B 483 -21.76 -40.34 1.52
CA LYS B 483 -20.86 -41.34 0.98
C LYS B 483 -19.58 -41.41 1.82
N TRP B 484 -19.29 -40.32 2.55
CA TRP B 484 -18.12 -40.26 3.41
C TRP B 484 -18.39 -40.97 4.73
N SER B 485 -19.68 -41.12 5.08
CA SER B 485 -20.08 -41.77 6.31
C SER B 485 -20.15 -43.29 6.13
N GLN B 486 -19.70 -43.77 4.97
CA GLN B 486 -19.48 -45.20 4.75
C GLN B 486 -18.01 -45.45 4.40
#